data_2XI3
#
_entry.id   2XI3
#
_cell.length_a   54.010
_cell.length_b   91.898
_cell.length_c   61.054
_cell.angle_alpha   89.62
_cell.angle_beta   99.74
_cell.angle_gamma   92.95
#
_symmetry.space_group_name_H-M   'P 1'
#
loop_
_entity.id
_entity.type
_entity.pdbx_description
1 polymer 'RNA-directed RNA polymerase'
2 non-polymer "GUANOSINE-5'-TRIPHOSPHATE"
3 non-polymer 'MAGNESIUM ION'
4 water water
#
_entity_poly.entity_id   1
_entity_poly.type   'polypeptide(L)'
_entity_poly.pdbx_seq_one_letter_code
;SMSYSWTGALVTPCAAEEQKLPINALSNSLLRHHNLVYSTTSRSACQRQKKVTFDRLQVLDSHYHDVLKEVKAAASKVKA
NLLSVEEACSLTPPHSAKSKFGYGAKDVRCHARKAVAHINSVWKDLLEDSVTPIDTTIMAKNEVFCVQPEKGGRKPARLI
VFPDLGVRVCEKMALYDVVSKLPLAVMGSSYGFQYSPGQRVEFLVQAWKSKKTPMGFSYDTRCFDSTVTESDIRTEEAIY
QCCDLDPQARVAIKSLTERLYVGGPLTNSRGENCGYRRCRASGVLTTSCGNTLTCYIKARAACRAAGLQDCTMLVCGDDL
VVICESAGVQEDAASLRAFTEAMTRYSAPPGDPPQPEYDLELITSCSSNVSVAHDGAGKRVYYLTRDPTTPLARAAWETA
RHTPVNSWLGNIIMFAPTLWARMILMTHFFSVLIARDQLEQALNCEIYGACYSIEPLDLPPIIQRLHGLSAFSLHSYSPG
EINRVAACLRKLGVPPLRAWRHRARSVRARLLSRGGRAAICGKYLFNWAVRTKLKLTPIAAAGRLDLSGWFTAGYSGGDI
YHSVSHARPRHHHHHH
;
_entity_poly.pdbx_strand_id   A,B
#
loop_
_chem_comp.id
_chem_comp.type
_chem_comp.name
_chem_comp.formula
GTP non-polymer GUANOSINE-5'-TRIPHOSPHATE 'C10 H16 N5 O14 P3'
MG non-polymer 'MAGNESIUM ION' 'Mg 2'
#
# COMPACT_ATOMS: atom_id res chain seq x y z
N SER A 1 0.92 36.88 -15.60
CA SER A 1 0.76 36.90 -14.15
C SER A 1 2.14 36.92 -13.52
N MET A 2 2.63 38.11 -13.21
CA MET A 2 3.93 38.26 -12.56
C MET A 2 3.84 37.86 -11.09
N SER A 3 4.85 37.15 -10.61
CA SER A 3 4.92 36.75 -9.21
C SER A 3 4.88 37.97 -8.29
N TYR A 4 5.56 39.04 -8.71
CA TYR A 4 5.64 40.31 -7.96
C TYR A 4 5.62 41.46 -8.93
N SER A 5 5.07 42.59 -8.48
CA SER A 5 5.32 43.86 -9.14
C SER A 5 6.02 44.74 -8.11
N TRP A 6 6.93 45.59 -8.55
CA TRP A 6 7.74 46.37 -7.62
C TRP A 6 7.61 47.86 -7.89
N THR A 7 7.69 48.65 -6.83
CA THR A 7 7.57 50.10 -6.97
C THR A 7 8.93 50.76 -7.11
N GLY A 8 9.98 50.06 -6.68
CA GLY A 8 11.34 50.59 -6.70
C GLY A 8 11.86 50.90 -5.32
N ALA A 9 10.98 50.85 -4.33
CA ALA A 9 11.39 51.01 -2.93
C ALA A 9 12.32 49.88 -2.54
N LEU A 10 13.25 50.15 -1.63
CA LEU A 10 14.20 49.14 -1.20
C LEU A 10 13.62 48.26 -0.10
N VAL A 11 14.06 47.01 -0.06
CA VAL A 11 13.89 46.19 1.12
C VAL A 11 14.94 46.63 2.14
N THR A 12 14.44 47.10 3.28
CA THR A 12 15.29 47.79 4.25
C THR A 12 15.46 46.98 5.53
N PRO A 13 16.58 47.20 6.25
CA PRO A 13 16.78 46.44 7.48
C PRO A 13 15.99 47.05 8.62
N CYS A 14 15.85 46.32 9.72
CA CYS A 14 15.16 46.83 10.90
C CYS A 14 16.18 47.05 12.01
N ALA A 15 17.35 46.43 11.87
CA ALA A 15 18.45 46.63 12.80
C ALA A 15 19.77 46.59 12.04
N ALA A 16 20.87 46.85 12.74
CA ALA A 16 22.18 46.73 12.13
C ALA A 16 22.40 45.29 11.68
N GLU A 17 22.97 45.14 10.48
CA GLU A 17 23.23 43.80 9.94
C GLU A 17 24.73 43.58 9.80
N GLU A 18 25.24 42.50 10.37
CA GLU A 18 26.65 42.15 10.21
C GLU A 18 26.82 41.28 8.96
N GLN A 19 27.83 41.57 8.14
CA GLN A 19 28.07 40.79 6.93
C GLN A 19 29.14 39.73 7.14
N LYS A 20 30.14 40.04 7.95
CA LYS A 20 31.30 39.19 8.10
C LYS A 20 31.30 38.48 9.45
N LEU A 21 31.76 37.24 9.46
CA LEU A 21 31.89 36.47 10.70
C LEU A 21 32.79 37.19 11.68
N PRO A 22 32.26 37.52 12.87
CA PRO A 22 33.04 38.21 13.90
C PRO A 22 34.18 37.34 14.41
N ILE A 23 35.31 37.96 14.73
CA ILE A 23 36.43 37.22 15.31
C ILE A 23 36.27 37.07 16.82
N ASN A 24 36.41 35.83 17.28
CA ASN A 24 36.14 35.46 18.66
C ASN A 24 37.01 34.24 18.94
N ALA A 25 37.68 34.19 20.10
CA ALA A 25 38.60 33.08 20.36
C ALA A 25 37.91 31.71 20.24
N LEU A 26 36.71 31.58 20.80
CA LEU A 26 36.03 30.29 20.76
C LEU A 26 35.52 29.93 19.36
N SER A 27 35.01 30.90 18.61
CA SER A 27 34.57 30.60 17.25
C SER A 27 35.77 30.24 16.37
N ASN A 28 36.87 30.96 16.54
CA ASN A 28 38.07 30.73 15.76
C ASN A 28 38.65 29.33 16.03
N SER A 29 38.40 28.80 17.21
CA SER A 29 38.88 27.47 17.56
C SER A 29 38.14 26.37 16.78
N LEU A 30 36.91 26.67 16.35
CA LEU A 30 36.16 25.78 15.47
C LEU A 30 36.62 25.93 14.03
N LEU A 31 36.65 27.16 13.54
CA LEU A 31 37.12 27.40 12.17
C LEU A 31 37.86 28.73 12.00
N ARG A 32 38.97 28.71 11.27
CA ARG A 32 39.83 29.88 11.18
C ARG A 32 39.72 30.68 9.90
N HIS A 33 39.08 30.11 8.88
CA HIS A 33 38.99 30.81 7.60
C HIS A 33 37.75 31.71 7.61
N HIS A 34 37.78 32.69 8.50
CA HIS A 34 36.59 33.50 8.76
C HIS A 34 36.13 34.32 7.56
N ASN A 35 37.05 34.65 6.65
CA ASN A 35 36.71 35.40 5.44
C ASN A 35 35.80 34.66 4.48
N LEU A 36 35.66 33.35 4.67
CA LEU A 36 34.80 32.55 3.82
C LEU A 36 33.36 32.52 4.33
N VAL A 37 33.16 32.92 5.57
CA VAL A 37 31.84 32.84 6.20
C VAL A 37 31.15 34.19 6.17
N TYR A 38 29.91 34.22 5.70
CA TYR A 38 29.21 35.49 5.59
C TYR A 38 27.75 35.34 5.96
N SER A 39 27.12 36.45 6.32
CA SER A 39 25.68 36.47 6.49
C SER A 39 25.05 37.26 5.36
N THR A 40 23.94 36.78 4.82
CA THR A 40 23.18 37.56 3.85
C THR A 40 22.59 38.76 4.58
N THR A 41 22.41 39.86 3.85
CA THR A 41 21.81 41.06 4.42
C THR A 41 20.93 41.75 3.40
N SER A 42 20.23 42.78 3.83
CA SER A 42 19.35 43.53 2.94
C SER A 42 20.10 44.14 1.75
N ARG A 43 21.42 44.22 1.85
CA ARG A 43 22.22 44.85 0.80
C ARG A 43 22.10 44.12 -0.54
N SER A 44 21.75 42.83 -0.48
CA SER A 44 21.64 42.03 -1.67
C SER A 44 20.20 41.77 -2.08
N ALA A 45 19.25 42.44 -1.44
CA ALA A 45 17.84 42.15 -1.69
C ALA A 45 17.45 42.43 -3.14
N CYS A 46 18.04 43.46 -3.75
CA CYS A 46 17.68 43.81 -5.13
C CYS A 46 17.97 42.65 -6.07
N GLN A 47 19.08 41.95 -5.80
CA GLN A 47 19.49 40.81 -6.60
C GLN A 47 18.48 39.68 -6.44
N ARG A 48 18.02 39.46 -5.22
CA ARG A 48 16.97 38.47 -4.98
C ARG A 48 15.67 38.87 -5.68
N GLN A 49 15.26 40.13 -5.53
CA GLN A 49 14.02 40.58 -6.17
C GLN A 49 14.01 40.26 -7.65
N LYS A 50 15.15 40.44 -8.31
CA LYS A 50 15.22 40.18 -9.75
C LYS A 50 14.96 38.70 -10.03
N LYS A 51 15.62 37.85 -9.27
CA LYS A 51 15.52 36.41 -9.45
C LYS A 51 14.09 35.89 -9.25
N VAL A 52 13.39 36.43 -8.27
CA VAL A 52 12.08 35.88 -7.88
C VAL A 52 10.90 36.44 -8.67
N THR A 53 11.17 37.34 -9.61
CA THR A 53 10.12 38.05 -10.34
C THR A 53 10.03 37.52 -11.77
N PHE A 54 8.93 36.83 -12.06
CA PHE A 54 8.73 36.31 -13.40
C PHE A 54 7.27 35.98 -13.68
N ASP A 55 6.95 35.78 -14.96
CA ASP A 55 5.61 35.45 -15.40
C ASP A 55 5.38 33.95 -15.18
N ARG A 56 4.20 33.58 -14.70
CA ARG A 56 3.86 32.18 -14.55
C ARG A 56 2.82 31.77 -15.59
N LEU A 57 3.23 30.91 -16.50
CA LEU A 57 2.31 30.26 -17.42
C LEU A 57 2.01 28.90 -16.83
N GLN A 58 0.74 28.59 -16.74
CA GLN A 58 0.34 27.34 -16.12
C GLN A 58 -0.71 26.67 -17.00
N VAL A 59 -0.45 25.41 -17.34
CA VAL A 59 -1.38 24.59 -18.11
C VAL A 59 -1.64 23.30 -17.35
N LEU A 60 -2.88 23.10 -16.93
CA LEU A 60 -3.24 21.91 -16.17
C LEU A 60 -3.84 20.89 -17.11
N ASP A 61 -3.55 19.61 -16.85
CA ASP A 61 -3.99 18.55 -17.74
C ASP A 61 -4.76 17.47 -16.98
N SER A 62 -5.05 16.37 -17.65
CA SER A 62 -5.87 15.32 -17.04
C SER A 62 -5.18 14.67 -15.85
N HIS A 63 -3.86 14.50 -15.94
CA HIS A 63 -3.11 13.92 -14.84
C HIS A 63 -3.19 14.82 -13.61
N TYR A 64 -3.05 16.13 -13.83
CA TYR A 64 -3.17 17.07 -12.72
C TYR A 64 -4.54 16.93 -12.07
N HIS A 65 -5.60 16.95 -12.89
CA HIS A 65 -6.94 16.89 -12.33
C HIS A 65 -7.25 15.57 -11.64
N ASP A 66 -6.70 14.47 -12.17
CA ASP A 66 -6.87 13.17 -11.53
C ASP A 66 -6.21 13.16 -10.14
N VAL A 67 -4.99 13.68 -10.04
CA VAL A 67 -4.33 13.72 -8.75
C VAL A 67 -5.08 14.65 -7.76
N LEU A 68 -5.53 15.80 -8.25
CA LEU A 68 -6.28 16.73 -7.39
C LEU A 68 -7.52 16.04 -6.82
N LYS A 69 -8.20 15.23 -7.63
CA LYS A 69 -9.37 14.50 -7.13
C LYS A 69 -9.02 13.55 -6.00
N GLU A 70 -7.88 12.87 -6.11
CA GLU A 70 -7.40 11.97 -5.07
C GLU A 70 -7.13 12.73 -3.77
N VAL A 71 -6.56 13.92 -3.92
CA VAL A 71 -6.16 14.75 -2.80
C VAL A 71 -7.40 15.26 -2.07
N LYS A 72 -8.37 15.75 -2.82
CA LYS A 72 -9.64 16.17 -2.23
C LYS A 72 -10.36 15.00 -1.55
N ALA A 73 -10.30 13.81 -2.14
CA ALA A 73 -10.95 12.65 -1.52
C ALA A 73 -10.29 12.31 -0.20
N ALA A 74 -8.96 12.31 -0.17
CA ALA A 74 -8.21 12.07 1.04
C ALA A 74 -8.52 13.11 2.11
N ALA A 75 -8.60 14.37 1.70
CA ALA A 75 -8.82 15.47 2.63
C ALA A 75 -10.18 15.34 3.33
N SER A 76 -11.16 14.78 2.63
CA SER A 76 -12.52 14.66 3.17
C SER A 76 -12.61 13.80 4.41
N LYS A 77 -11.55 13.04 4.71
CA LYS A 77 -11.50 12.18 5.91
C LYS A 77 -10.97 12.90 7.13
N VAL A 78 -10.48 14.11 6.95
CA VAL A 78 -9.85 14.85 8.03
C VAL A 78 -10.86 15.67 8.83
N LYS A 79 -10.73 15.64 10.15
CA LYS A 79 -11.50 16.55 10.99
C LYS A 79 -10.51 17.48 11.67
N ALA A 80 -10.75 18.78 11.59
CA ALA A 80 -9.84 19.77 12.18
C ALA A 80 -10.63 20.72 13.07
N ASN A 81 -10.01 21.15 14.16
CA ASN A 81 -10.67 21.97 15.16
C ASN A 81 -10.12 23.40 15.17
N LEU A 82 -10.95 24.34 15.61
CA LEU A 82 -10.49 25.70 15.89
C LEU A 82 -9.63 25.66 17.12
N LEU A 83 -8.57 26.48 17.17
CA LEU A 83 -7.88 26.70 18.41
C LEU A 83 -8.48 27.93 19.08
N SER A 84 -8.53 27.93 20.41
CA SER A 84 -8.97 29.11 21.13
C SER A 84 -7.89 30.17 21.04
N VAL A 85 -8.24 31.42 21.35
CA VAL A 85 -7.24 32.48 21.35
C VAL A 85 -6.09 32.09 22.28
N GLU A 86 -6.45 31.60 23.46
CA GLU A 86 -5.50 31.19 24.47
C GLU A 86 -4.54 30.12 23.94
N GLU A 87 -5.09 29.13 23.26
CA GLU A 87 -4.27 28.07 22.69
C GLU A 87 -3.31 28.61 21.62
N ALA A 88 -3.82 29.45 20.74
CA ALA A 88 -3.00 30.04 19.69
C ALA A 88 -1.93 30.96 20.27
N CYS A 89 -2.30 31.75 21.27
CA CYS A 89 -1.31 32.62 21.91
C CYS A 89 -0.10 31.83 22.39
N SER A 90 -0.36 30.67 22.98
CA SER A 90 0.72 29.88 23.57
C SER A 90 1.65 29.24 22.54
N LEU A 91 1.22 29.24 21.28
CA LEU A 91 2.07 28.70 20.20
C LEU A 91 3.01 29.77 19.65
N THR A 92 2.93 30.98 20.19
CA THR A 92 3.73 32.10 19.69
C THR A 92 5.13 32.09 20.33
N PRO A 93 6.19 32.15 19.50
CA PRO A 93 7.57 32.13 20.01
C PRO A 93 7.90 33.42 20.77
N PRO A 94 8.77 33.33 21.77
CA PRO A 94 9.16 34.52 22.55
C PRO A 94 9.80 35.59 21.68
N HIS A 95 10.43 35.18 20.58
CA HIS A 95 11.15 36.11 19.71
C HIS A 95 10.36 36.56 18.47
N SER A 96 9.08 36.23 18.42
CA SER A 96 8.24 36.62 17.29
C SER A 96 8.21 38.15 17.16
N ALA A 97 8.13 38.65 15.93
CA ALA A 97 8.13 40.11 15.70
C ALA A 97 6.94 40.77 16.36
N LYS A 98 7.17 41.91 17.03
CA LYS A 98 6.09 42.59 17.72
C LYS A 98 5.07 43.12 16.74
N SER A 99 3.87 43.39 17.25
CA SER A 99 2.79 43.96 16.44
C SER A 99 3.00 45.46 16.25
N LYS A 100 2.42 46.02 15.20
CA LYS A 100 2.41 47.47 15.04
C LYS A 100 1.28 48.10 15.86
N PHE A 101 0.52 47.25 16.54
CA PHE A 101 -0.66 47.73 17.27
C PHE A 101 -0.45 47.77 18.78
N GLY A 102 0.79 47.88 19.21
CA GLY A 102 1.10 48.23 20.60
C GLY A 102 1.33 47.07 21.55
N TYR A 103 1.80 45.93 21.02
CA TYR A 103 2.10 44.78 21.87
C TYR A 103 3.07 43.84 21.17
N GLY A 104 3.69 42.94 21.92
CA GLY A 104 4.69 42.04 21.37
C GLY A 104 4.47 40.60 21.73
N ALA A 105 5.45 39.76 21.41
CA ALA A 105 5.35 38.33 21.67
C ALA A 105 5.12 38.00 23.14
N LYS A 106 5.87 38.64 24.03
CA LYS A 106 5.70 38.40 25.47
C LYS A 106 4.28 38.69 25.93
N ASP A 107 3.69 39.75 25.41
CA ASP A 107 2.33 40.11 25.76
C ASP A 107 1.34 39.04 25.30
N VAL A 108 1.57 38.52 24.10
CA VAL A 108 0.73 37.46 23.57
C VAL A 108 0.84 36.21 24.44
N ARG A 109 2.07 35.84 24.76
CA ARG A 109 2.32 34.61 25.53
C ARG A 109 1.77 34.65 26.96
N CYS A 110 1.74 35.83 27.57
CA CYS A 110 1.17 35.96 28.91
C CYS A 110 -0.31 36.36 28.87
N HIS A 111 -0.89 36.31 27.67
CA HIS A 111 -2.32 36.58 27.48
C HIS A 111 -2.72 37.97 27.98
N ALA A 112 -1.87 38.97 27.75
CA ALA A 112 -2.11 40.33 28.24
C ALA A 112 -3.36 40.95 27.62
N ARG A 113 -4.03 41.81 28.39
CA ARG A 113 -5.32 42.38 27.99
C ARG A 113 -5.29 43.10 26.64
N LYS A 114 -4.28 43.94 26.43
CA LYS A 114 -4.14 44.67 25.18
C LYS A 114 -4.04 43.70 23.99
N ALA A 115 -3.11 42.75 24.09
CA ALA A 115 -2.89 41.78 23.02
C ALA A 115 -4.14 41.00 22.66
N VAL A 116 -4.75 40.38 23.66
CA VAL A 116 -5.95 39.57 23.45
C VAL A 116 -7.08 40.40 22.82
N ALA A 117 -7.26 41.62 23.33
CA ALA A 117 -8.25 42.55 22.75
C ALA A 117 -8.04 42.71 21.24
N HIS A 118 -6.81 43.01 20.83
CA HIS A 118 -6.55 43.26 19.42
C HIS A 118 -6.74 42.00 18.59
N ILE A 119 -6.20 40.88 19.08
CA ILE A 119 -6.38 39.60 18.40
C ILE A 119 -7.84 39.30 18.16
N ASN A 120 -8.66 39.52 19.18
CA ASN A 120 -10.10 39.31 19.03
C ASN A 120 -10.71 40.21 17.96
N SER A 121 -10.20 41.43 17.84
CA SER A 121 -10.74 42.37 16.84
C SER A 121 -10.33 41.96 15.42
N VAL A 122 -9.13 41.41 15.29
CA VAL A 122 -8.64 40.94 14.00
C VAL A 122 -9.47 39.76 13.54
N TRP A 123 -9.77 38.87 14.47
CA TRP A 123 -10.61 37.70 14.16
C TRP A 123 -11.99 38.12 13.67
N LYS A 124 -12.63 39.05 14.38
CA LYS A 124 -13.95 39.53 14.00
C LYS A 124 -13.92 40.14 12.59
N ASP A 125 -12.85 40.85 12.28
CA ASP A 125 -12.70 41.47 10.98
C ASP A 125 -12.52 40.42 9.87
N LEU A 126 -11.85 39.31 10.17
CA LEU A 126 -11.72 38.22 9.19
C LEU A 126 -13.08 37.63 8.88
N LEU A 127 -13.92 37.53 9.90
CA LEU A 127 -15.26 36.98 9.75
C LEU A 127 -16.19 37.91 8.96
N GLU A 128 -15.97 39.21 9.04
CA GLU A 128 -16.88 40.20 8.46
C GLU A 128 -16.45 40.74 7.09
N ASP A 129 -15.17 40.61 6.77
CA ASP A 129 -14.61 41.15 5.53
C ASP A 129 -13.83 40.02 4.86
N SER A 130 -14.25 39.62 3.65
CA SER A 130 -13.58 38.52 2.96
C SER A 130 -12.75 38.99 1.76
N VAL A 131 -12.50 40.28 1.66
CA VAL A 131 -11.98 40.84 0.41
C VAL A 131 -10.74 41.75 0.53
N THR A 132 -10.70 42.61 1.55
CA THR A 132 -9.68 43.65 1.61
C THR A 132 -8.29 43.05 1.86
N PRO A 133 -7.34 43.27 0.93
CA PRO A 133 -6.01 42.71 1.19
C PRO A 133 -5.42 43.17 2.52
N ILE A 134 -4.75 42.23 3.18
CA ILE A 134 -4.11 42.48 4.47
C ILE A 134 -2.65 42.87 4.25
N ASP A 135 -2.15 43.85 5.01
CA ASP A 135 -0.78 44.29 4.79
C ASP A 135 0.21 43.20 5.17
N THR A 136 1.36 43.22 4.51
CA THR A 136 2.48 42.36 4.88
C THR A 136 3.77 43.16 4.91
N THR A 137 4.74 42.64 5.66
CA THR A 137 6.06 43.23 5.72
C THR A 137 6.98 42.35 4.91
N ILE A 138 7.87 42.98 4.14
CA ILE A 138 8.91 42.24 3.45
C ILE A 138 10.25 42.58 4.09
N MET A 139 11.01 41.54 4.41
CA MET A 139 12.33 41.69 5.01
C MET A 139 13.34 40.78 4.31
N ALA A 140 14.62 41.14 4.42
CA ALA A 140 15.67 40.25 3.93
C ALA A 140 16.12 39.35 5.07
N LYS A 141 16.17 38.05 4.83
CA LYS A 141 16.66 37.13 5.84
C LYS A 141 18.16 37.27 5.99
N ASN A 142 18.62 37.21 7.24
CA ASN A 142 20.05 37.19 7.54
C ASN A 142 20.40 35.76 7.88
N GLU A 143 20.98 35.05 6.92
CA GLU A 143 21.34 33.65 7.10
C GLU A 143 22.80 33.45 6.71
N VAL A 144 23.46 32.52 7.37
CA VAL A 144 24.91 32.35 7.24
C VAL A 144 25.27 31.23 6.29
N PHE A 145 26.26 31.50 5.45
CA PHE A 145 26.77 30.51 4.49
C PHE A 145 28.28 30.60 4.39
N CYS A 146 28.85 29.62 3.69
CA CYS A 146 30.25 29.65 3.29
C CYS A 146 30.29 29.98 1.79
N VAL A 147 31.24 30.83 1.40
CA VAL A 147 31.38 31.18 -0.01
C VAL A 147 31.70 29.95 -0.85
N GLN A 148 31.19 29.93 -2.08
CA GLN A 148 31.53 28.90 -3.04
C GLN A 148 31.82 29.57 -4.38
N PRO A 149 33.07 29.98 -4.58
CA PRO A 149 33.49 30.76 -5.76
C PRO A 149 33.08 30.07 -7.06
N GLU A 150 33.37 28.78 -7.16
CA GLU A 150 33.05 28.01 -8.36
C GLU A 150 31.57 28.10 -8.69
N LYS A 151 30.76 28.53 -7.72
CA LYS A 151 29.32 28.55 -7.89
C LYS A 151 28.73 29.95 -7.77
N GLY A 152 29.49 30.96 -8.18
CA GLY A 152 28.97 32.31 -8.28
C GLY A 152 29.24 33.24 -7.09
N GLY A 153 30.05 32.80 -6.14
CA GLY A 153 30.43 33.64 -5.04
C GLY A 153 29.45 33.66 -3.88
N ARG A 154 28.65 34.72 -3.78
CA ARG A 154 27.74 34.88 -2.65
C ARG A 154 26.26 34.85 -3.00
N LYS A 155 25.49 34.13 -2.20
CA LYS A 155 24.04 34.04 -2.35
C LYS A 155 23.39 35.34 -1.90
N PRO A 156 22.45 35.85 -2.70
CA PRO A 156 21.68 37.00 -2.22
C PRO A 156 20.72 36.58 -1.10
N ALA A 157 20.33 37.52 -0.25
CA ALA A 157 19.39 37.25 0.84
C ALA A 157 18.07 36.68 0.32
N ARG A 158 17.50 35.71 1.04
CA ARG A 158 16.12 35.34 0.78
C ARG A 158 15.20 36.40 1.36
N LEU A 159 14.02 36.55 0.76
CA LEU A 159 13.04 37.51 1.25
C LEU A 159 11.96 36.78 2.03
N ILE A 160 11.56 37.33 3.16
CA ILE A 160 10.44 36.76 3.89
C ILE A 160 9.30 37.77 3.93
N VAL A 161 8.09 37.27 3.78
CA VAL A 161 6.92 38.13 3.72
C VAL A 161 5.94 37.61 4.76
N PHE A 162 5.51 38.49 5.66
CA PHE A 162 4.69 38.06 6.79
C PHE A 162 3.74 39.15 7.26
N PRO A 163 2.56 38.76 7.76
CA PRO A 163 1.59 39.70 8.31
C PRO A 163 1.86 40.03 9.77
N ASP A 164 1.08 40.96 10.29
CA ASP A 164 1.21 41.42 11.67
C ASP A 164 0.97 40.30 12.67
N LEU A 165 1.58 40.43 13.84
CA LEU A 165 1.44 39.46 14.92
C LEU A 165 -0.01 39.10 15.20
N GLY A 166 -0.91 40.09 15.22
CA GLY A 166 -2.32 39.82 15.45
C GLY A 166 -2.89 38.84 14.43
N VAL A 167 -2.60 39.09 13.17
CA VAL A 167 -2.98 38.18 12.09
C VAL A 167 -2.36 36.78 12.27
N ARG A 168 -1.08 36.72 12.65
CA ARG A 168 -0.43 35.42 12.83
C ARG A 168 -1.14 34.57 13.88
N VAL A 169 -1.60 35.19 14.96
CA VAL A 169 -2.32 34.43 15.98
C VAL A 169 -3.65 33.91 15.42
N CYS A 170 -4.34 34.74 14.63
CA CYS A 170 -5.59 34.30 13.99
C CYS A 170 -5.38 33.14 13.01
N GLU A 171 -4.25 33.14 12.30
CA GLU A 171 -3.94 32.03 11.39
C GLU A 171 -3.87 30.73 12.18
N LYS A 172 -3.24 30.78 13.35
CA LYS A 172 -3.14 29.60 14.19
C LYS A 172 -4.53 29.12 14.59
N MET A 173 -5.36 30.05 15.04
CA MET A 173 -6.72 29.69 15.41
C MET A 173 -7.42 28.93 14.29
N ALA A 174 -7.36 29.46 13.07
CA ALA A 174 -8.14 28.89 11.96
C ALA A 174 -7.51 27.63 11.37
N LEU A 175 -6.19 27.56 11.38
CA LEU A 175 -5.49 26.61 10.51
C LEU A 175 -4.41 25.74 11.15
N TYR A 176 -4.08 25.97 12.41
CA TYR A 176 -2.98 25.19 13.00
C TYR A 176 -3.29 23.70 12.96
N ASP A 177 -4.52 23.34 13.30
CA ASP A 177 -4.89 21.93 13.35
C ASP A 177 -4.94 21.35 11.94
N VAL A 178 -5.39 22.16 10.98
CA VAL A 178 -5.41 21.74 9.57
C VAL A 178 -4.01 21.47 9.02
N VAL A 179 -3.10 22.42 9.19
CA VAL A 179 -1.75 22.24 8.65
C VAL A 179 -0.97 21.16 9.39
N SER A 180 -1.41 20.82 10.59
CA SER A 180 -0.79 19.76 11.38
C SER A 180 -1.28 18.36 11.03
N LYS A 181 -2.40 18.27 10.32
CA LYS A 181 -3.05 16.98 10.01
C LYS A 181 -3.17 16.68 8.52
N LEU A 182 -3.35 17.71 7.71
CA LEU A 182 -3.77 17.50 6.32
C LEU A 182 -2.73 16.87 5.38
N PRO A 183 -1.49 17.35 5.42
CA PRO A 183 -0.46 16.76 4.55
C PRO A 183 -0.35 15.25 4.72
N LEU A 184 -0.26 14.77 5.95
CA LEU A 184 -0.19 13.33 6.21
C LEU A 184 -1.40 12.59 5.65
N ALA A 185 -2.59 13.13 5.90
CA ALA A 185 -3.81 12.45 5.44
C ALA A 185 -3.82 12.33 3.92
N VAL A 186 -3.29 13.36 3.25
CA VAL A 186 -3.35 13.45 1.79
C VAL A 186 -2.29 12.60 1.12
N MET A 187 -1.07 12.65 1.62
CA MET A 187 0.00 11.97 0.89
C MET A 187 0.64 10.79 1.61
N GLY A 188 0.13 10.46 2.80
CA GLY A 188 0.61 9.31 3.54
C GLY A 188 2.12 9.25 3.71
N SER A 189 2.71 8.13 3.32
CA SER A 189 4.14 7.92 3.55
C SER A 189 5.02 8.90 2.79
N SER A 190 4.44 9.63 1.83
CA SER A 190 5.22 10.59 1.05
C SER A 190 5.46 11.91 1.79
N TYR A 191 4.77 12.14 2.91
CA TYR A 191 4.94 13.39 3.66
C TYR A 191 6.21 13.32 4.50
N GLY A 192 7.21 14.12 4.13
CA GLY A 192 8.52 13.97 4.73
C GLY A 192 8.63 14.39 6.18
N PHE A 193 7.79 15.33 6.60
CA PHE A 193 7.91 15.90 7.92
C PHE A 193 7.36 15.00 9.03
N GLN A 194 6.75 13.87 8.66
CA GLN A 194 6.32 12.89 9.66
C GLN A 194 7.46 12.06 10.22
N TYR A 195 8.64 12.17 9.60
CA TYR A 195 9.78 11.30 9.92
C TYR A 195 10.89 11.97 10.72
N SER A 196 11.35 11.31 11.79
CA SER A 196 12.63 11.69 12.37
C SER A 196 13.71 11.31 11.36
N PRO A 197 14.96 11.76 11.57
CA PRO A 197 16.03 11.40 10.64
C PRO A 197 16.16 9.90 10.41
N GLY A 198 16.10 9.10 11.47
CA GLY A 198 16.24 7.66 11.33
C GLY A 198 15.07 7.05 10.58
N GLN A 199 13.88 7.59 10.78
CA GLN A 199 12.71 7.11 10.07
C GLN A 199 12.75 7.50 8.61
N ARG A 200 13.36 8.65 8.31
CA ARG A 200 13.50 9.07 6.93
C ARG A 200 14.45 8.11 6.21
N VAL A 201 15.52 7.74 6.90
CA VAL A 201 16.47 6.78 6.35
C VAL A 201 15.78 5.46 6.09
N GLU A 202 15.02 4.99 7.08
CA GLU A 202 14.30 3.73 6.95
C GLU A 202 13.40 3.75 5.70
N PHE A 203 12.71 4.87 5.50
CA PHE A 203 11.81 5.01 4.37
C PHE A 203 12.56 4.96 3.05
N LEU A 204 13.64 5.70 2.95
CA LEU A 204 14.43 5.76 1.72
C LEU A 204 15.10 4.42 1.41
N VAL A 205 15.66 3.79 2.44
CA VAL A 205 16.34 2.52 2.25
C VAL A 205 15.37 1.44 1.80
N GLN A 206 14.19 1.37 2.43
CA GLN A 206 13.21 0.37 2.02
C GLN A 206 12.71 0.62 0.60
N ALA A 207 12.51 1.91 0.26
CA ALA A 207 12.09 2.25 -1.10
C ALA A 207 13.15 1.81 -2.09
N TRP A 208 14.41 2.08 -1.76
CA TRP A 208 15.51 1.71 -2.64
C TRP A 208 15.60 0.18 -2.79
N LYS A 209 15.45 -0.53 -1.67
CA LYS A 209 15.58 -1.99 -1.70
C LYS A 209 14.40 -2.63 -2.41
N SER A 210 13.26 -1.95 -2.42
CA SER A 210 12.04 -2.52 -2.97
C SER A 210 12.01 -2.57 -4.49
N LYS A 211 12.97 -1.93 -5.14
CA LYS A 211 13.02 -1.89 -6.59
C LYS A 211 13.94 -2.97 -7.12
N LYS A 212 13.61 -3.55 -8.28
CA LYS A 212 14.50 -4.51 -8.93
C LYS A 212 15.82 -3.84 -9.32
N THR A 213 15.72 -2.74 -10.06
CA THR A 213 16.86 -1.86 -10.31
C THR A 213 16.42 -0.44 -10.01
N PRO A 214 16.78 0.07 -8.81
CA PRO A 214 16.33 1.41 -8.43
C PRO A 214 17.03 2.55 -9.17
N MET A 215 16.26 3.61 -9.40
CA MET A 215 16.79 4.86 -9.91
C MET A 215 16.13 5.95 -9.11
N GLY A 216 16.88 6.97 -8.73
CA GLY A 216 16.26 8.07 -8.01
C GLY A 216 16.73 9.41 -8.53
N PHE A 217 15.99 10.45 -8.18
CA PHE A 217 16.46 11.79 -8.49
C PHE A 217 15.82 12.80 -7.54
N SER A 218 16.49 13.92 -7.34
CA SER A 218 15.90 15.07 -6.67
C SER A 218 15.49 16.07 -7.74
N TYR A 219 14.41 16.79 -7.51
CA TYR A 219 13.99 17.83 -8.45
C TYR A 219 14.02 19.19 -7.76
N ASP A 220 14.81 20.11 -8.29
CA ASP A 220 14.94 21.44 -7.68
C ASP A 220 14.21 22.48 -8.49
N THR A 221 13.04 22.91 -7.99
CA THR A 221 12.26 23.94 -8.65
C THR A 221 12.97 25.27 -8.42
N ARG A 222 13.11 26.05 -9.50
CA ARG A 222 13.68 27.37 -9.37
C ARG A 222 12.69 28.30 -8.68
N CYS A 223 13.05 28.79 -7.49
CA CYS A 223 12.25 29.80 -6.79
C CYS A 223 10.83 29.30 -6.59
N PHE A 224 10.68 28.16 -5.92
CA PHE A 224 9.38 27.53 -5.77
C PHE A 224 8.27 28.48 -5.34
N ASP A 225 8.50 29.28 -4.30
CA ASP A 225 7.43 30.17 -3.81
C ASP A 225 6.88 31.08 -4.92
N SER A 226 7.75 31.55 -5.80
CA SER A 226 7.31 32.40 -6.90
C SER A 226 6.53 31.65 -7.97
N THR A 227 6.75 30.34 -8.06
CA THR A 227 6.06 29.53 -9.06
C THR A 227 4.64 29.23 -8.67
N VAL A 228 4.33 29.43 -7.39
CA VAL A 228 3.00 29.14 -6.87
C VAL A 228 2.04 30.22 -7.34
N THR A 229 1.00 29.82 -8.05
CA THR A 229 0.08 30.74 -8.70
C THR A 229 -1.12 31.06 -7.84
N GLU A 230 -1.85 32.10 -8.22
CA GLU A 230 -3.09 32.42 -7.52
C GLU A 230 -4.05 31.22 -7.54
N SER A 231 -4.19 30.57 -8.69
CA SER A 231 -5.05 29.40 -8.75
C SER A 231 -4.53 28.24 -7.88
N ASP A 232 -3.20 28.10 -7.75
CA ASP A 232 -2.66 27.06 -6.86
C ASP A 232 -3.12 27.34 -5.43
N ILE A 233 -3.07 28.60 -5.04
CA ILE A 233 -3.39 28.99 -3.67
C ILE A 233 -4.89 28.87 -3.42
N ARG A 234 -5.70 29.19 -4.42
CA ARG A 234 -7.15 28.99 -4.29
C ARG A 234 -7.50 27.51 -4.27
N THR A 235 -6.70 26.71 -4.97
CA THR A 235 -6.86 25.24 -4.90
C THR A 235 -6.53 24.70 -3.51
N GLU A 236 -5.46 25.22 -2.89
CA GLU A 236 -5.17 24.83 -1.52
C GLU A 236 -6.38 25.11 -0.61
N GLU A 237 -7.02 26.28 -0.79
CA GLU A 237 -8.20 26.63 0.03
C GLU A 237 -9.30 25.60 -0.18
N ALA A 238 -9.49 25.20 -1.43
CA ALA A 238 -10.54 24.25 -1.76
C ALA A 238 -10.27 22.93 -1.06
N ILE A 239 -9.00 22.54 -1.02
CA ILE A 239 -8.60 21.34 -0.31
C ILE A 239 -8.86 21.45 1.19
N TYR A 240 -8.48 22.57 1.80
CA TYR A 240 -8.73 22.76 3.23
C TYR A 240 -10.22 22.58 3.55
N GLN A 241 -11.06 23.13 2.68
CA GLN A 241 -12.52 23.10 2.88
C GLN A 241 -13.11 21.70 2.74
N CYS A 242 -12.34 20.75 2.21
CA CYS A 242 -12.80 19.36 2.15
C CYS A 242 -12.88 18.70 3.51
N CYS A 243 -12.12 19.22 4.47
CA CYS A 243 -12.09 18.70 5.82
C CYS A 243 -13.41 19.00 6.52
N ASP A 244 -13.73 18.25 7.57
CA ASP A 244 -14.76 18.66 8.50
C ASP A 244 -14.23 19.78 9.40
N LEU A 245 -14.80 20.96 9.26
CA LEU A 245 -14.33 22.16 9.96
C LEU A 245 -15.47 22.83 10.71
N ASP A 246 -15.15 23.64 11.72
CA ASP A 246 -16.15 24.49 12.36
C ASP A 246 -16.58 25.58 11.38
N PRO A 247 -17.87 25.97 11.40
CA PRO A 247 -18.37 27.02 10.50
C PRO A 247 -17.54 28.32 10.53
N GLN A 248 -17.15 28.79 11.71
CA GLN A 248 -16.33 30.00 11.77
C GLN A 248 -14.96 29.79 11.14
N ALA A 249 -14.42 28.59 11.28
CA ALA A 249 -13.15 28.27 10.64
C ALA A 249 -13.28 28.36 9.11
N ARG A 250 -14.38 27.86 8.54
CA ARG A 250 -14.55 27.95 7.10
C ARG A 250 -14.52 29.39 6.61
N VAL A 251 -15.15 30.28 7.36
CA VAL A 251 -15.18 31.68 6.97
C VAL A 251 -13.78 32.29 7.09
N ALA A 252 -13.13 32.05 8.21
CA ALA A 252 -11.78 32.58 8.44
C ALA A 252 -10.79 32.10 7.40
N ILE A 253 -10.87 30.82 7.04
CA ILE A 253 -9.94 30.25 6.07
C ILE A 253 -10.14 30.87 4.68
N LYS A 254 -11.40 31.08 4.28
CA LYS A 254 -11.66 31.76 3.03
C LYS A 254 -11.14 33.19 3.07
N SER A 255 -11.40 33.90 4.17
CA SER A 255 -10.92 35.28 4.29
C SER A 255 -9.41 35.36 4.24
N LEU A 256 -8.73 34.50 5.00
CA LEU A 256 -7.27 34.48 4.99
C LEU A 256 -6.75 34.19 3.59
N THR A 257 -7.41 33.29 2.88
CA THR A 257 -7.00 32.98 1.52
C THR A 257 -7.09 34.18 0.59
N GLU A 258 -8.24 34.85 0.56
CA GLU A 258 -8.46 35.93 -0.38
C GLU A 258 -7.75 37.22 0.02
N ARG A 259 -7.53 37.41 1.32
CA ARG A 259 -6.98 38.67 1.80
C ARG A 259 -5.48 38.61 2.04
N LEU A 260 -4.95 37.39 2.18
CA LEU A 260 -3.55 37.21 2.58
C LEU A 260 -2.81 36.19 1.72
N TYR A 261 -3.31 34.95 1.63
CA TYR A 261 -2.49 33.93 0.99
C TYR A 261 -2.33 34.12 -0.53
N VAL A 262 -3.40 34.56 -1.18
CA VAL A 262 -3.40 34.65 -2.64
C VAL A 262 -2.60 35.86 -3.14
N GLY A 263 -2.31 36.80 -2.26
CA GLY A 263 -1.54 37.96 -2.64
C GLY A 263 -1.78 39.13 -1.72
N GLY A 264 -1.06 40.22 -1.96
CA GLY A 264 -1.27 41.44 -1.21
C GLY A 264 -0.12 42.41 -1.31
N PRO A 265 -0.31 43.60 -0.74
CA PRO A 265 0.71 44.65 -0.75
C PRO A 265 1.88 44.32 0.16
N LEU A 266 3.07 44.77 -0.25
CA LEU A 266 4.31 44.56 0.49
C LEU A 266 4.82 45.90 1.01
N THR A 267 5.06 45.98 2.31
CA THR A 267 5.58 47.19 2.95
C THR A 267 6.94 46.87 3.55
N ASN A 268 7.93 47.75 3.37
CA ASN A 268 9.23 47.54 4.01
C ASN A 268 9.23 48.00 5.47
N SER A 269 10.35 47.78 6.15
CA SER A 269 10.43 48.08 7.58
C SER A 269 10.25 49.56 7.87
N ARG A 270 10.33 50.39 6.83
CA ARG A 270 10.23 51.83 7.02
C ARG A 270 8.82 52.34 6.70
N GLY A 271 7.95 51.41 6.35
CA GLY A 271 6.56 51.77 6.06
C GLY A 271 6.31 52.16 4.62
N GLU A 272 7.31 51.97 3.77
CA GLU A 272 7.20 52.31 2.35
C GLU A 272 6.61 51.16 1.56
N ASN A 273 5.82 51.50 0.55
CA ASN A 273 5.17 50.50 -0.29
C ASN A 273 6.19 49.94 -1.29
N CYS A 274 6.47 48.65 -1.19
CA CYS A 274 7.51 48.03 -2.01
C CYS A 274 6.98 47.40 -3.29
N GLY A 275 5.71 47.04 -3.30
CA GLY A 275 5.15 46.37 -4.44
C GLY A 275 3.99 45.49 -4.04
N TYR A 276 3.73 44.45 -4.82
CA TYR A 276 2.54 43.65 -4.61
C TYR A 276 2.88 42.22 -4.98
N ARG A 277 2.40 41.28 -4.17
CA ARG A 277 2.72 39.87 -4.36
C ARG A 277 1.51 39.12 -4.92
N ARG A 278 1.77 38.21 -5.86
CA ARG A 278 0.74 37.35 -6.45
C ARG A 278 1.25 35.91 -6.45
N CYS A 279 1.95 35.53 -5.38
CA CYS A 279 2.48 34.17 -5.24
C CYS A 279 2.57 33.81 -3.77
N ARG A 280 3.19 32.69 -3.45
CA ARG A 280 3.26 32.25 -2.06
C ARG A 280 3.98 33.27 -1.17
N ALA A 281 3.37 33.61 -0.05
CA ALA A 281 4.08 34.30 1.02
C ALA A 281 4.91 33.30 1.82
N SER A 282 6.18 33.63 2.06
CA SER A 282 7.10 32.70 2.70
C SER A 282 6.99 32.68 4.22
N GLY A 283 6.23 33.60 4.77
CA GLY A 283 6.14 33.73 6.22
C GLY A 283 4.72 33.69 6.75
N VAL A 284 3.95 32.71 6.30
CA VAL A 284 2.62 32.50 6.84
C VAL A 284 2.52 31.05 7.34
N LEU A 285 1.47 30.76 8.11
CA LEU A 285 1.34 29.45 8.73
C LEU A 285 1.21 28.35 7.70
N THR A 286 0.62 28.68 6.56
CA THR A 286 0.36 27.71 5.50
C THR A 286 1.51 27.55 4.50
N THR A 287 2.62 28.24 4.74
CA THR A 287 3.74 28.14 3.79
C THR A 287 4.19 26.68 3.59
N SER A 288 4.45 25.97 4.68
CA SER A 288 4.95 24.60 4.56
C SER A 288 3.91 23.62 4.00
N CYS A 289 2.71 23.63 4.57
CA CYS A 289 1.61 22.76 4.14
C CYS A 289 1.24 23.04 2.69
N GLY A 290 1.07 24.33 2.37
CA GLY A 290 0.76 24.73 1.02
C GLY A 290 1.82 24.28 0.01
N ASN A 291 3.09 24.53 0.33
CA ASN A 291 4.15 24.16 -0.59
C ASN A 291 4.23 22.63 -0.74
N THR A 292 4.07 21.93 0.36
CA THR A 292 4.08 20.48 0.34
C THR A 292 2.94 19.91 -0.51
N LEU A 293 1.74 20.42 -0.30
CA LEU A 293 0.59 19.93 -1.06
C LEU A 293 0.78 20.22 -2.53
N THR A 294 1.15 21.45 -2.86
CA THR A 294 1.23 21.86 -4.26
C THR A 294 2.36 21.14 -4.97
N CYS A 295 3.50 20.99 -4.29
CA CYS A 295 4.59 20.19 -4.83
C CYS A 295 4.18 18.74 -5.07
N TYR A 296 3.49 18.15 -4.09
CA TYR A 296 3.03 16.76 -4.23
C TYR A 296 2.07 16.59 -5.41
N ILE A 297 1.09 17.48 -5.54
CA ILE A 297 0.13 17.35 -6.65
C ILE A 297 0.84 17.42 -8.00
N LYS A 298 1.65 18.44 -8.20
CA LYS A 298 2.34 18.62 -9.46
C LYS A 298 3.30 17.48 -9.74
N ALA A 299 4.06 17.07 -8.71
CA ALA A 299 5.06 16.01 -8.89
C ALA A 299 4.40 14.68 -9.18
N ARG A 300 3.31 14.38 -8.48
CA ARG A 300 2.65 13.08 -8.68
C ARG A 300 2.07 13.01 -10.07
N ALA A 301 1.45 14.11 -10.52
CA ALA A 301 0.95 14.18 -11.89
C ALA A 301 2.09 14.09 -12.90
N ALA A 302 3.20 14.75 -12.61
CA ALA A 302 4.35 14.74 -13.51
C ALA A 302 5.01 13.36 -13.60
N CYS A 303 5.00 12.60 -12.52
CA CYS A 303 5.47 11.22 -12.58
C CYS A 303 4.64 10.42 -13.58
N ARG A 304 3.34 10.68 -13.64
CA ARG A 304 2.47 9.96 -14.58
C ARG A 304 2.77 10.38 -16.02
N ALA A 305 2.90 11.69 -16.23
CA ALA A 305 3.26 12.20 -17.56
C ALA A 305 4.60 11.61 -18.01
N ALA A 306 5.52 11.45 -17.06
CA ALA A 306 6.87 10.98 -17.38
C ALA A 306 6.95 9.48 -17.60
N GLY A 307 5.89 8.77 -17.27
CA GLY A 307 5.84 7.33 -17.48
C GLY A 307 6.75 6.59 -16.52
N LEU A 308 6.99 7.19 -15.37
CA LEU A 308 7.83 6.59 -14.34
C LEU A 308 7.10 5.39 -13.73
N GLN A 309 7.85 4.31 -13.49
CA GLN A 309 7.27 3.06 -13.04
C GLN A 309 7.49 2.84 -11.55
N ASP A 310 6.42 2.52 -10.83
CA ASP A 310 6.52 2.21 -9.40
C ASP A 310 7.25 3.30 -8.63
N CYS A 311 6.74 4.52 -8.74
CA CYS A 311 7.32 5.68 -8.07
C CYS A 311 7.04 5.72 -6.58
N THR A 312 8.08 6.04 -5.81
CA THR A 312 7.93 6.39 -4.40
C THR A 312 8.45 7.81 -4.26
N MET A 313 7.63 8.73 -3.73
CA MET A 313 8.08 10.12 -3.56
C MET A 313 8.24 10.50 -2.11
N LEU A 314 9.15 11.43 -1.85
CA LEU A 314 9.29 12.02 -0.53
C LEU A 314 9.26 13.53 -0.72
N VAL A 315 8.28 14.18 -0.09
CA VAL A 315 8.06 15.62 -0.30
C VAL A 315 8.14 16.37 1.02
N CYS A 316 9.00 17.39 1.05
CA CYS A 316 9.11 18.27 2.21
C CYS A 316 9.05 19.71 1.70
N GLY A 317 7.89 20.35 1.78
CA GLY A 317 7.75 21.66 1.18
C GLY A 317 8.07 21.58 -0.30
N ASP A 318 8.98 22.44 -0.77
CA ASP A 318 9.40 22.40 -2.17
C ASP A 318 10.44 21.33 -2.50
N ASP A 319 10.88 20.57 -1.50
CA ASP A 319 11.93 19.61 -1.71
C ASP A 319 11.30 18.27 -2.13
N LEU A 320 11.76 17.74 -3.25
CA LEU A 320 11.16 16.54 -3.80
C LEU A 320 12.24 15.53 -4.17
N VAL A 321 12.05 14.29 -3.73
CA VAL A 321 12.88 13.19 -4.23
C VAL A 321 11.96 12.07 -4.70
N VAL A 322 12.35 11.41 -5.79
CA VAL A 322 11.59 10.31 -6.35
C VAL A 322 12.48 9.10 -6.53
N ILE A 323 12.02 7.92 -6.10
CA ILE A 323 12.74 6.67 -6.33
C ILE A 323 11.81 5.78 -7.14
N CYS A 324 12.30 5.21 -8.24
CA CYS A 324 11.43 4.42 -9.10
C CYS A 324 12.15 3.21 -9.66
N GLU A 325 11.40 2.41 -10.42
CA GLU A 325 11.94 1.24 -11.10
C GLU A 325 12.56 1.66 -12.42
N SER A 326 13.86 1.42 -12.57
CA SER A 326 14.58 1.84 -13.76
C SER A 326 14.08 1.11 -15.00
N ALA A 327 13.95 1.85 -16.10
CA ALA A 327 13.59 1.26 -17.39
C ALA A 327 14.80 1.14 -18.31
N GLY A 328 15.99 1.39 -17.78
CA GLY A 328 17.20 1.40 -18.57
C GLY A 328 17.78 2.80 -18.60
N VAL A 329 19.06 2.94 -18.94
CA VAL A 329 19.71 4.23 -18.85
C VAL A 329 19.11 5.28 -19.79
N GLN A 330 18.99 4.95 -21.07
CA GLN A 330 18.45 5.91 -22.01
C GLN A 330 16.99 6.22 -21.73
N GLU A 331 16.25 5.17 -21.38
CA GLU A 331 14.84 5.29 -21.03
C GLU A 331 14.61 6.19 -19.83
N ASP A 332 15.42 6.01 -18.79
CA ASP A 332 15.32 6.83 -17.59
C ASP A 332 15.62 8.29 -17.89
N ALA A 333 16.66 8.53 -18.68
CA ALA A 333 17.07 9.89 -18.99
C ALA A 333 15.94 10.62 -19.72
N ALA A 334 15.33 9.94 -20.69
CA ALA A 334 14.19 10.49 -21.40
C ALA A 334 12.99 10.74 -20.50
N SER A 335 12.75 9.83 -19.54
CA SER A 335 11.62 10.00 -18.64
C SER A 335 11.81 11.23 -17.76
N LEU A 336 13.04 11.48 -17.34
CA LEU A 336 13.30 12.66 -16.52
C LEU A 336 13.12 13.94 -17.31
N ARG A 337 13.48 13.92 -18.59
CA ARG A 337 13.19 15.08 -19.42
C ARG A 337 11.69 15.31 -19.51
N ALA A 338 10.92 14.24 -19.65
CA ALA A 338 9.46 14.36 -19.71
C ALA A 338 8.89 14.85 -18.39
N PHE A 339 9.47 14.38 -17.28
CA PHE A 339 9.04 14.82 -15.95
C PHE A 339 9.23 16.34 -15.84
N THR A 340 10.38 16.80 -16.28
CA THR A 340 10.71 18.22 -16.21
C THR A 340 9.77 19.03 -17.08
N GLU A 341 9.48 18.54 -18.26
CA GLU A 341 8.58 19.25 -19.16
C GLU A 341 7.20 19.38 -18.54
N ALA A 342 6.74 18.33 -17.86
CA ALA A 342 5.45 18.35 -17.20
C ALA A 342 5.45 19.34 -16.04
N MET A 343 6.46 19.28 -15.19
CA MET A 343 6.57 20.20 -14.06
C MET A 343 6.59 21.65 -14.56
N THR A 344 7.29 21.87 -15.66
CA THR A 344 7.35 23.20 -16.29
C THR A 344 5.96 23.67 -16.72
N ARG A 345 5.21 22.80 -17.39
CA ARG A 345 3.83 23.13 -17.76
C ARG A 345 3.00 23.51 -16.53
N TYR A 346 3.23 22.84 -15.40
CA TYR A 346 2.47 23.14 -14.18
C TYR A 346 2.94 24.39 -13.44
N SER A 347 3.96 25.05 -14.00
CA SER A 347 4.54 26.34 -13.53
C SER A 347 5.86 26.22 -12.77
N ALA A 348 6.40 25.00 -12.65
CA ALA A 348 7.54 24.74 -11.78
C ALA A 348 8.79 24.22 -12.49
N PRO A 349 9.41 25.04 -13.35
CA PRO A 349 10.63 24.59 -14.03
C PRO A 349 11.79 24.48 -13.06
N PRO A 350 12.83 23.73 -13.43
CA PRO A 350 13.95 23.48 -12.51
C PRO A 350 15.00 24.57 -12.57
N GLY A 351 15.81 24.67 -11.52
CA GLY A 351 16.97 25.53 -11.57
C GLY A 351 17.99 24.85 -12.45
N ASP A 352 18.33 23.63 -12.06
CA ASP A 352 19.25 22.79 -12.81
C ASP A 352 18.52 21.49 -13.11
N PRO A 353 18.67 20.98 -14.34
CA PRO A 353 17.96 19.76 -14.75
C PRO A 353 18.26 18.60 -13.79
N PRO A 354 17.21 17.84 -13.41
CA PRO A 354 17.43 16.68 -12.55
C PRO A 354 18.30 15.65 -13.28
N GLN A 355 19.04 14.85 -12.52
CA GLN A 355 19.85 13.80 -13.11
C GLN A 355 19.51 12.46 -12.46
N PRO A 356 19.39 11.40 -13.27
CA PRO A 356 19.11 10.09 -12.68
C PRO A 356 20.32 9.63 -11.88
N GLU A 357 20.07 9.03 -10.71
CA GLU A 357 21.15 8.52 -9.86
C GLU A 357 20.89 7.04 -9.59
N TYR A 358 21.96 6.24 -9.57
CA TYR A 358 21.82 4.79 -9.41
C TYR A 358 22.52 4.25 -8.17
N ASP A 359 23.00 5.15 -7.33
CA ASP A 359 23.58 4.78 -6.03
C ASP A 359 22.80 5.50 -4.95
N LEU A 360 22.36 4.77 -3.92
CA LEU A 360 21.57 5.37 -2.85
C LEU A 360 22.24 6.58 -2.20
N GLU A 361 23.54 6.49 -1.95
CA GLU A 361 24.24 7.52 -1.17
C GLU A 361 24.26 8.87 -1.88
N LEU A 362 24.05 8.85 -3.20
CA LEU A 362 24.16 10.04 -4.04
C LEU A 362 22.87 10.82 -4.16
N ILE A 363 21.79 10.27 -3.62
CA ILE A 363 20.50 10.95 -3.67
C ILE A 363 20.38 11.91 -2.49
N THR A 364 20.21 13.18 -2.80
CA THR A 364 20.19 14.22 -1.78
C THR A 364 18.78 14.80 -1.60
N SER A 365 18.22 14.61 -0.41
CA SER A 365 16.88 15.09 -0.03
C SER A 365 16.98 16.05 1.15
N CYS A 366 16.43 17.26 1.02
CA CYS A 366 16.60 18.28 2.05
C CYS A 366 18.07 18.40 2.45
N SER A 367 18.92 18.56 1.46
CA SER A 367 20.36 18.71 1.64
C SER A 367 21.00 17.56 2.43
N SER A 368 20.32 16.43 2.53
CA SER A 368 20.88 15.28 3.25
CA SER A 368 20.87 15.28 3.25
C SER A 368 20.87 14.02 2.40
N ASN A 369 21.66 13.02 2.82
CA ASN A 369 21.71 11.74 2.10
C ASN A 369 21.88 10.58 3.07
N VAL A 370 21.50 9.38 2.63
CA VAL A 370 21.72 8.18 3.43
C VAL A 370 23.18 7.74 3.28
N SER A 371 23.80 7.33 4.38
CA SER A 371 25.13 6.73 4.29
C SER A 371 25.19 5.50 5.18
N VAL A 372 26.29 4.76 5.11
CA VAL A 372 26.39 3.53 5.91
C VAL A 372 27.63 3.56 6.77
N ALA A 373 27.47 3.12 8.01
CA ALA A 373 28.60 2.89 8.90
C ALA A 373 28.40 1.52 9.52
N HIS A 374 29.17 1.20 10.56
CA HIS A 374 29.06 -0.11 11.17
C HIS A 374 29.00 -0.03 12.68
N ASP A 375 28.30 -0.96 13.30
CA ASP A 375 28.33 -1.07 14.75
C ASP A 375 29.52 -1.91 15.20
N GLY A 376 29.61 -2.16 16.50
CA GLY A 376 30.74 -2.87 17.05
C GLY A 376 30.91 -4.27 16.49
N ALA A 377 29.79 -4.89 16.09
CA ALA A 377 29.83 -6.26 15.58
C ALA A 377 30.13 -6.37 14.09
N GLY A 378 30.19 -5.23 13.40
CA GLY A 378 30.39 -5.23 11.97
C GLY A 378 29.07 -5.23 11.19
N LYS A 379 27.95 -4.98 11.89
CA LYS A 379 26.67 -4.88 11.20
C LYS A 379 26.56 -3.53 10.53
N ARG A 380 26.06 -3.52 9.30
CA ARG A 380 25.80 -2.26 8.62
C ARG A 380 24.69 -1.48 9.31
N VAL A 381 24.95 -0.20 9.51
CA VAL A 381 23.95 0.71 10.05
C VAL A 381 23.77 1.88 9.09
N TYR A 382 22.56 2.08 8.60
CA TYR A 382 22.25 3.23 7.76
C TYR A 382 21.93 4.45 8.63
N TYR A 383 22.37 5.62 8.20
CA TYR A 383 22.10 6.86 8.96
C TYR A 383 22.04 8.05 8.01
N LEU A 384 21.40 9.13 8.46
CA LEU A 384 21.29 10.33 7.65
C LEU A 384 22.48 11.27 7.89
N THR A 385 23.04 11.79 6.81
CA THR A 385 24.14 12.72 6.91
C THR A 385 23.97 13.85 5.89
N ARG A 386 24.94 14.77 5.86
CA ARG A 386 24.92 15.87 4.90
C ARG A 386 26.30 16.49 4.83
N ASP A 387 26.51 17.37 3.85
CA ASP A 387 27.76 18.10 3.78
C ASP A 387 27.83 19.02 5.01
N PRO A 388 28.96 18.97 5.74
CA PRO A 388 28.99 19.74 6.99
C PRO A 388 29.29 21.23 6.84
N THR A 389 29.47 21.73 5.63
CA THR A 389 29.92 23.12 5.47
C THR A 389 28.97 24.14 6.10
N THR A 390 27.70 24.07 5.76
CA THR A 390 26.77 25.07 6.29
C THR A 390 26.58 24.91 7.81
N PRO A 391 26.40 23.67 8.29
CA PRO A 391 26.35 23.49 9.75
C PRO A 391 27.58 24.05 10.50
N LEU A 392 28.78 23.83 9.98
CA LEU A 392 29.97 24.36 10.66
C LEU A 392 30.05 25.89 10.59
N ALA A 393 29.72 26.46 9.44
CA ALA A 393 29.78 27.92 9.29
C ALA A 393 28.81 28.58 10.25
N ARG A 394 27.60 28.03 10.34
CA ARG A 394 26.59 28.59 11.24
C ARG A 394 26.97 28.37 12.71
N ALA A 395 27.54 27.21 13.02
CA ALA A 395 28.02 26.94 14.37
C ALA A 395 29.09 27.97 14.79
N ALA A 396 29.97 28.34 13.86
CA ALA A 396 31.00 29.34 14.16
C ALA A 396 30.35 30.68 14.46
N TRP A 397 29.38 31.06 13.63
CA TRP A 397 28.67 32.32 13.82
C TRP A 397 27.94 32.35 15.17
N GLU A 398 27.29 31.25 15.51
CA GLU A 398 26.53 31.15 16.75
C GLU A 398 27.40 31.08 18.01
N THR A 399 28.68 30.75 17.83
CA THR A 399 29.64 30.78 18.92
C THR A 399 30.07 32.23 19.17
N ALA A 400 30.21 32.98 18.08
CA ALA A 400 30.70 34.35 18.12
C ALA A 400 29.63 35.34 18.57
N ARG A 401 28.38 35.02 18.23
CA ARG A 401 27.26 35.93 18.44
C ARG A 401 26.05 35.20 19.01
N HIS A 402 25.42 35.78 20.02
CA HIS A 402 24.19 35.21 20.54
C HIS A 402 23.08 35.31 19.51
N THR A 403 22.43 34.19 19.23
CA THR A 403 21.35 34.17 18.26
C THR A 403 20.08 33.65 18.93
N PRO A 404 18.91 34.20 18.57
CA PRO A 404 17.65 33.80 19.19
C PRO A 404 17.40 32.31 19.09
N VAL A 405 17.64 31.76 17.91
CA VAL A 405 17.42 30.35 17.65
C VAL A 405 18.68 29.76 17.03
N ASN A 406 19.28 28.78 17.73
CA ASN A 406 20.60 28.27 17.31
C ASN A 406 20.60 26.95 16.55
N SER A 407 21.05 27.03 15.30
CA SER A 407 21.05 25.91 14.39
C SER A 407 21.85 24.72 14.89
N TRP A 408 22.84 24.97 15.74
CA TRP A 408 23.79 23.91 16.08
C TRP A 408 23.18 22.78 16.89
N LEU A 409 22.26 23.12 17.78
CA LEU A 409 21.66 22.09 18.64
C LEU A 409 20.73 21.20 17.83
N GLY A 410 19.96 21.81 16.94
CA GLY A 410 19.11 21.07 16.01
C GLY A 410 19.98 20.17 15.14
N ASN A 411 21.12 20.68 14.71
CA ASN A 411 22.00 19.89 13.84
C ASN A 411 22.61 18.71 14.57
N ILE A 412 23.00 18.91 15.83
CA ILE A 412 23.49 17.79 16.62
C ILE A 412 22.41 16.72 16.78
N ILE A 413 21.19 17.14 17.06
CA ILE A 413 20.09 16.20 17.23
C ILE A 413 19.78 15.44 15.94
N MET A 414 19.66 16.17 14.84
CA MET A 414 19.33 15.55 13.55
C MET A 414 20.45 14.65 13.03
N PHE A 415 21.70 15.04 13.29
CA PHE A 415 22.85 14.38 12.68
C PHE A 415 23.79 13.70 13.69
N ALA A 416 23.25 13.39 14.86
CA ALA A 416 24.03 12.76 15.92
C ALA A 416 24.93 11.57 15.53
N PRO A 417 24.47 10.69 14.62
CA PRO A 417 25.34 9.55 14.31
C PRO A 417 26.52 9.87 13.40
N THR A 418 26.56 11.08 12.84
CA THR A 418 27.55 11.39 11.83
C THR A 418 28.91 11.60 12.46
N LEU A 419 29.95 11.33 11.68
CA LEU A 419 31.31 11.50 12.11
C LEU A 419 31.56 12.96 12.52
N TRP A 420 31.03 13.89 11.73
CA TRP A 420 31.28 15.30 11.96
C TRP A 420 30.50 15.89 13.13
N ALA A 421 29.27 15.46 13.34
CA ALA A 421 28.50 15.98 14.47
C ALA A 421 29.09 15.47 15.78
N ARG A 422 29.56 14.22 15.76
CA ARG A 422 30.11 13.61 16.97
C ARG A 422 31.48 14.18 17.32
N MET A 423 32.38 14.21 16.35
CA MET A 423 33.76 14.57 16.66
C MET A 423 33.96 16.08 16.72
N ILE A 424 33.23 16.82 15.90
CA ILE A 424 33.40 18.28 15.84
C ILE A 424 32.34 19.05 16.60
N LEU A 425 31.09 18.96 16.17
CA LEU A 425 30.03 19.74 16.80
C LEU A 425 29.83 19.45 18.30
N MET A 426 29.79 18.18 18.69
CA MET A 426 29.61 17.87 20.11
C MET A 426 30.78 18.34 20.96
N THR A 427 32.00 18.06 20.50
CA THR A 427 33.20 18.45 21.23
C THR A 427 33.24 19.95 21.37
N HIS A 428 32.99 20.64 20.27
CA HIS A 428 33.05 22.10 20.28
C HIS A 428 32.05 22.69 21.25
N PHE A 429 30.79 22.31 21.11
CA PHE A 429 29.78 22.99 21.91
C PHE A 429 29.82 22.64 23.38
N PHE A 430 30.11 21.39 23.71
CA PHE A 430 30.33 21.11 25.13
C PHE A 430 31.52 21.87 25.70
N SER A 431 32.59 22.03 24.91
CA SER A 431 33.71 22.85 25.37
C SER A 431 33.28 24.31 25.57
N VAL A 432 32.44 24.82 24.69
CA VAL A 432 31.94 26.19 24.80
C VAL A 432 31.04 26.35 26.03
N LEU A 433 30.13 25.39 26.23
CA LEU A 433 29.22 25.47 27.36
C LEU A 433 30.00 25.36 28.67
N ILE A 434 31.05 24.55 28.68
CA ILE A 434 31.93 24.45 29.85
C ILE A 434 32.66 25.78 30.12
N ALA A 435 33.25 26.35 29.08
CA ALA A 435 33.95 27.63 29.20
C ALA A 435 33.06 28.74 29.75
N ARG A 436 31.81 28.77 29.30
CA ARG A 436 30.90 29.85 29.62
C ARG A 436 29.98 29.53 30.81
N ASP A 437 30.18 28.36 31.42
CA ASP A 437 29.34 27.91 32.52
C ASP A 437 27.86 27.93 32.14
N GLN A 438 27.54 27.30 31.01
CA GLN A 438 26.17 27.32 30.49
C GLN A 438 25.58 25.94 30.31
N LEU A 439 26.20 24.93 30.92
CA LEU A 439 25.72 23.56 30.75
C LEU A 439 24.25 23.38 31.09
N GLU A 440 23.76 24.10 32.10
CA GLU A 440 22.41 23.91 32.60
C GLU A 440 21.34 24.73 31.87
N GLN A 441 21.78 25.62 31.00
CA GLN A 441 20.85 26.57 30.36
C GLN A 441 20.15 26.00 29.12
N ALA A 442 18.82 25.99 29.16
CA ALA A 442 18.02 25.58 28.00
C ALA A 442 18.22 26.56 26.85
N LEU A 443 18.14 26.03 25.63
CA LEU A 443 18.38 26.83 24.43
C LEU A 443 17.24 26.67 23.42
N ASN A 444 16.96 27.74 22.68
CA ASN A 444 15.98 27.64 21.60
C ASN A 444 16.63 27.09 20.34
N CYS A 445 15.98 26.14 19.71
CA CYS A 445 16.43 25.63 18.42
C CYS A 445 15.23 25.25 17.59
N GLU A 446 15.45 24.95 16.33
CA GLU A 446 14.36 24.64 15.42
C GLU A 446 14.41 23.20 14.96
N ILE A 447 13.24 22.61 14.82
CA ILE A 447 13.08 21.29 14.26
C ILE A 447 11.92 21.36 13.28
N TYR A 448 12.22 21.17 12.00
CA TYR A 448 11.24 21.34 10.94
C TYR A 448 10.49 22.68 11.07
N GLY A 449 11.22 23.74 11.39
CA GLY A 449 10.67 25.08 11.37
C GLY A 449 10.03 25.58 12.64
N ALA A 450 9.76 24.65 13.56
CA ALA A 450 9.17 24.98 14.85
C ALA A 450 10.25 25.13 15.91
N CYS A 451 10.02 26.06 16.83
CA CYS A 451 11.01 26.36 17.85
C CYS A 451 10.75 25.55 19.12
N TYR A 452 11.81 24.89 19.61
CA TYR A 452 11.76 24.13 20.85
C TYR A 452 12.78 24.67 21.84
N SER A 453 12.48 24.50 23.12
CA SER A 453 13.42 24.79 24.18
C SER A 453 14.04 23.47 24.62
N ILE A 454 15.35 23.33 24.45
CA ILE A 454 16.00 22.05 24.72
C ILE A 454 17.22 22.23 25.62
N GLU A 455 17.37 21.34 26.59
CA GLU A 455 18.53 21.36 27.47
C GLU A 455 19.65 20.47 26.90
N PRO A 456 20.81 21.07 26.63
CA PRO A 456 21.94 20.32 26.07
C PRO A 456 22.28 19.09 26.92
N LEU A 457 22.10 19.18 28.24
CA LEU A 457 22.33 18.03 29.10
C LEU A 457 21.40 16.84 28.84
N ASP A 458 20.34 17.04 28.07
CA ASP A 458 19.42 15.96 27.71
C ASP A 458 19.78 15.29 26.39
N LEU A 459 20.90 15.70 25.79
CA LEU A 459 21.28 15.15 24.49
C LEU A 459 21.39 13.62 24.42
N PRO A 460 22.04 12.98 25.42
CA PRO A 460 22.20 11.53 25.27
C PRO A 460 20.88 10.74 25.18
N PRO A 461 19.93 10.99 26.11
CA PRO A 461 18.65 10.26 26.00
C PRO A 461 17.87 10.65 24.74
N ILE A 462 17.97 11.90 24.32
CA ILE A 462 17.34 12.33 23.07
C ILE A 462 17.92 11.55 21.90
N ILE A 463 19.24 11.48 21.83
CA ILE A 463 19.89 10.74 20.76
C ILE A 463 19.53 9.26 20.79
N GLN A 464 19.51 8.66 21.98
CA GLN A 464 19.14 7.25 22.05
C GLN A 464 17.72 7.05 21.53
N ARG A 465 16.82 7.95 21.92
CA ARG A 465 15.43 7.83 21.50
C ARG A 465 15.26 7.94 19.99
N LEU A 466 15.99 8.86 19.36
CA LEU A 466 15.82 9.11 17.93
C LEU A 466 16.68 8.23 17.05
N HIS A 467 17.87 7.88 17.52
CA HIS A 467 18.87 7.22 16.67
C HIS A 467 19.28 5.84 17.17
N GLY A 468 18.93 5.55 18.42
CA GLY A 468 19.28 4.25 19.00
C GLY A 468 20.66 4.27 19.62
N LEU A 469 20.93 3.23 20.41
CA LEU A 469 22.17 3.11 21.15
C LEU A 469 23.38 3.11 20.23
N SER A 470 23.22 2.61 19.02
CA SER A 470 24.36 2.46 18.11
C SER A 470 24.95 3.80 17.71
N ALA A 471 24.18 4.87 17.88
CA ALA A 471 24.64 6.21 17.54
C ALA A 471 25.91 6.59 18.31
N PHE A 472 26.13 5.97 19.45
CA PHE A 472 27.27 6.30 20.28
C PHE A 472 28.45 5.36 20.03
N SER A 473 28.34 4.50 19.03
CA SER A 473 29.43 3.56 18.75
C SER A 473 29.68 3.26 17.28
N LEU A 474 29.10 4.05 16.37
CA LEU A 474 29.36 3.82 14.95
C LEU A 474 30.81 4.04 14.61
N HIS A 475 31.30 3.22 13.69
CA HIS A 475 32.65 3.37 13.17
C HIS A 475 32.71 2.85 11.73
N SER A 476 33.90 2.85 11.14
CA SER A 476 34.06 2.42 9.75
C SER A 476 33.04 3.11 8.85
N TYR A 477 33.09 4.43 8.84
CA TYR A 477 32.26 5.23 7.93
C TYR A 477 32.70 5.05 6.49
N SER A 478 31.88 5.47 5.54
CA SER A 478 32.14 5.26 4.13
C SER A 478 33.24 6.17 3.59
N PRO A 479 33.91 5.74 2.52
CA PRO A 479 35.00 6.54 1.94
C PRO A 479 34.50 7.90 1.46
N GLY A 480 33.33 7.91 0.83
CA GLY A 480 32.77 9.14 0.33
C GLY A 480 32.48 10.12 1.45
N GLU A 481 31.98 9.59 2.57
CA GLU A 481 31.67 10.43 3.72
C GLU A 481 32.94 10.99 4.37
N ILE A 482 33.91 10.11 4.62
CA ILE A 482 35.20 10.53 5.17
C ILE A 482 35.86 11.61 4.30
N ASN A 483 35.86 11.39 2.99
CA ASN A 483 36.42 12.38 2.07
C ASN A 483 35.68 13.72 2.09
N ARG A 484 34.35 13.66 2.16
CA ARG A 484 33.57 14.90 2.19
C ARG A 484 33.90 15.71 3.45
N VAL A 485 33.94 15.03 4.59
CA VAL A 485 34.30 15.70 5.82
C VAL A 485 35.71 16.31 5.71
N ALA A 486 36.66 15.49 5.26
CA ALA A 486 38.04 15.97 5.14
C ALA A 486 38.17 17.20 4.26
N ALA A 487 37.48 17.20 3.12
CA ALA A 487 37.53 18.34 2.22
C ALA A 487 36.97 19.60 2.89
N CYS A 488 35.89 19.42 3.64
CA CYS A 488 35.27 20.53 4.35
C CYS A 488 36.21 21.15 5.38
N LEU A 489 36.92 20.30 6.14
CA LEU A 489 37.79 20.81 7.17
C LEU A 489 38.92 21.61 6.55
N ARG A 490 39.47 21.11 5.45
CA ARG A 490 40.51 21.83 4.74
C ARG A 490 40.03 23.20 4.25
N LYS A 491 38.83 23.23 3.68
CA LYS A 491 38.28 24.45 3.11
C LYS A 491 38.08 25.51 4.18
N LEU A 492 37.46 25.10 5.28
CA LEU A 492 37.06 26.05 6.33
C LEU A 492 38.16 26.38 7.35
N GLY A 493 39.28 25.66 7.31
CA GLY A 493 40.31 25.87 8.32
C GLY A 493 39.86 25.39 9.69
N VAL A 494 39.28 24.20 9.71
CA VAL A 494 38.85 23.54 10.93
C VAL A 494 39.95 22.57 11.34
N PRO A 495 40.25 22.49 12.64
CA PRO A 495 41.30 21.55 13.04
C PRO A 495 41.00 20.11 12.63
N PRO A 496 42.05 19.30 12.39
CA PRO A 496 41.86 17.91 11.95
C PRO A 496 41.23 17.05 13.02
N LEU A 497 40.61 15.95 12.62
CA LEU A 497 39.85 15.13 13.56
C LEU A 497 40.65 14.64 14.76
N ARG A 498 41.94 14.35 14.57
CA ARG A 498 42.76 13.86 15.67
C ARG A 498 42.96 14.94 16.74
N ALA A 499 42.95 16.20 16.31
CA ALA A 499 43.00 17.31 17.26
C ALA A 499 41.70 17.37 18.06
N TRP A 500 40.57 17.21 17.38
CA TRP A 500 39.28 17.18 18.07
C TRP A 500 39.20 16.04 19.09
N ARG A 501 39.88 14.93 18.79
CA ARG A 501 39.85 13.78 19.68
C ARG A 501 40.55 14.12 20.99
N HIS A 502 41.68 14.79 20.89
CA HIS A 502 42.38 15.26 22.09
C HIS A 502 41.49 16.21 22.88
N ARG A 503 40.87 17.17 22.19
CA ARG A 503 40.02 18.14 22.86
C ARG A 503 38.85 17.43 23.53
N ALA A 504 38.27 16.47 22.83
CA ALA A 504 37.14 15.71 23.37
C ALA A 504 37.52 14.94 24.64
N ARG A 505 38.74 14.41 24.70
CA ARG A 505 39.16 13.69 25.91
C ARG A 505 39.12 14.63 27.11
N SER A 506 39.51 15.88 26.91
CA SER A 506 39.47 16.87 28.00
C SER A 506 38.04 17.24 28.37
N VAL A 507 37.22 17.51 27.36
CA VAL A 507 35.80 17.80 27.59
C VAL A 507 35.13 16.67 28.35
N ARG A 508 35.40 15.45 27.91
CA ARG A 508 34.83 14.27 28.55
C ARG A 508 35.21 14.18 30.03
N ALA A 509 36.48 14.41 30.32
CA ALA A 509 36.96 14.37 31.70
C ALA A 509 36.24 15.38 32.59
N ARG A 510 36.07 16.60 32.09
CA ARG A 510 35.37 17.64 32.84
C ARG A 510 33.92 17.27 33.11
N LEU A 511 33.23 16.77 32.08
CA LEU A 511 31.85 16.33 32.24
C LEU A 511 31.72 15.18 33.25
N LEU A 512 32.60 14.20 33.16
CA LEU A 512 32.56 13.08 34.09
C LEU A 512 32.67 13.55 35.54
N SER A 513 33.52 14.55 35.77
CA SER A 513 33.76 15.05 37.11
C SER A 513 32.56 15.79 37.71
N ARG A 514 31.62 16.21 36.86
CA ARG A 514 30.45 16.93 37.33
C ARG A 514 29.33 15.98 37.78
N GLY A 515 29.45 14.71 37.41
CA GLY A 515 28.44 13.73 37.73
C GLY A 515 27.08 14.07 37.14
N GLY A 516 26.08 13.27 37.49
CA GLY A 516 24.71 13.50 37.04
C GLY A 516 24.55 13.40 35.54
N ARG A 517 23.73 14.29 35.00
CA ARG A 517 23.49 14.33 33.56
C ARG A 517 24.77 14.68 32.79
N ALA A 518 25.59 15.56 33.35
CA ALA A 518 26.84 15.92 32.71
C ALA A 518 27.71 14.69 32.48
N ALA A 519 27.74 13.80 33.47
CA ALA A 519 28.58 12.61 33.38
C ALA A 519 28.06 11.67 32.31
N ILE A 520 26.74 11.60 32.18
CA ILE A 520 26.13 10.78 31.13
C ILE A 520 26.55 11.34 29.75
N CYS A 521 26.57 12.65 29.62
CA CYS A 521 27.08 13.27 28.39
C CYS A 521 28.54 12.84 28.11
N GLY A 522 29.39 12.88 29.13
CA GLY A 522 30.78 12.52 28.95
C GLY A 522 30.91 11.07 28.56
N LYS A 523 30.14 10.22 29.23
CA LYS A 523 30.22 8.78 29.01
C LYS A 523 29.74 8.36 27.64
N TYR A 524 28.58 8.85 27.23
CA TYR A 524 27.95 8.37 25.99
C TYR A 524 28.40 9.14 24.75
N LEU A 525 28.42 10.47 24.84
CA LEU A 525 28.71 11.30 23.67
C LEU A 525 30.17 11.18 23.25
N PHE A 526 31.05 10.87 24.20
CA PHE A 526 32.48 10.92 23.94
C PHE A 526 33.23 9.60 24.11
N ASN A 527 32.48 8.50 24.12
CA ASN A 527 33.11 7.18 24.21
C ASN A 527 34.06 6.94 23.04
N TRP A 528 33.76 7.54 21.89
CA TRP A 528 34.62 7.39 20.72
C TRP A 528 36.03 7.93 20.97
N ALA A 529 36.17 8.81 21.96
CA ALA A 529 37.40 9.59 22.10
C ALA A 529 38.45 8.95 22.99
N VAL A 530 38.06 7.94 23.75
CA VAL A 530 39.01 7.31 24.68
C VAL A 530 39.55 5.98 24.16
N ARG A 531 40.72 5.59 24.66
CA ARG A 531 41.37 4.35 24.25
C ARG A 531 40.62 3.15 24.78
N THR A 532 40.35 3.15 26.08
CA THR A 532 39.59 2.09 26.72
C THR A 532 38.13 2.51 26.81
N LYS A 533 37.31 1.97 25.91
CA LYS A 533 35.92 2.36 25.79
C LYS A 533 35.07 1.74 26.89
N LEU A 534 34.09 2.51 27.38
CA LEU A 534 33.11 1.98 28.31
C LEU A 534 32.05 1.17 27.58
N LYS A 535 31.37 0.31 28.34
CA LYS A 535 30.20 -0.40 27.85
C LYS A 535 29.00 0.54 27.96
N LEU A 536 28.34 0.82 26.85
CA LEU A 536 27.19 1.71 26.86
C LEU A 536 25.89 0.92 26.86
N THR A 537 25.17 1.00 27.97
CA THR A 537 23.89 0.31 28.10
C THR A 537 22.78 1.32 27.92
N PRO A 538 21.55 0.85 27.69
CA PRO A 538 20.41 1.76 27.50
C PRO A 538 20.31 2.80 28.60
N ILE A 539 20.06 4.05 28.23
CA ILE A 539 19.92 5.11 29.21
C ILE A 539 18.52 5.12 29.80
N ALA A 540 18.44 5.06 31.12
CA ALA A 540 17.17 4.98 31.83
C ALA A 540 16.21 6.12 31.46
N ALA A 541 16.68 7.34 31.66
CA ALA A 541 15.86 8.53 31.45
C ALA A 541 15.31 8.66 30.03
N ALA A 542 15.76 7.81 29.12
CA ALA A 542 15.35 7.91 27.72
C ALA A 542 13.83 7.76 27.54
N GLY A 543 13.26 6.74 28.18
CA GLY A 543 11.83 6.48 28.04
C GLY A 543 10.95 7.54 28.67
N ARG A 544 11.54 8.36 29.55
CA ARG A 544 10.77 9.34 30.30
C ARG A 544 10.73 10.69 29.59
N LEU A 545 11.45 10.80 28.49
CA LEU A 545 11.44 12.04 27.70
C LEU A 545 10.13 12.18 26.93
N ASP A 546 9.49 13.34 27.06
CA ASP A 546 8.29 13.61 26.29
C ASP A 546 8.68 14.19 24.93
N LEU A 547 8.70 13.34 23.90
CA LEU A 547 9.04 13.78 22.56
C LEU A 547 7.80 13.87 21.66
N SER A 548 6.63 13.95 22.28
CA SER A 548 5.39 14.11 21.55
C SER A 548 5.49 15.29 20.59
N GLY A 549 5.18 15.04 19.32
CA GLY A 549 5.10 16.12 18.35
C GLY A 549 6.41 16.49 17.69
N TRP A 550 7.52 15.96 18.19
CA TRP A 550 8.79 16.15 17.52
C TRP A 550 8.74 15.42 16.19
N PHE A 551 9.19 16.08 15.13
CA PHE A 551 9.31 15.41 13.83
C PHE A 551 7.97 14.85 13.37
N THR A 552 6.92 15.68 13.40
CA THR A 552 5.60 15.26 12.94
C THR A 552 5.00 16.13 11.83
N ALA A 553 5.31 17.42 11.83
CA ALA A 553 4.83 18.30 10.76
C ALA A 553 5.81 19.42 10.48
N GLY A 554 5.70 20.04 9.31
CA GLY A 554 6.56 21.14 8.92
C GLY A 554 5.90 22.48 9.21
N TYR A 555 6.66 23.40 9.78
CA TYR A 555 6.13 24.72 10.12
C TYR A 555 7.04 25.87 9.73
N SER A 556 7.97 25.63 8.81
CA SER A 556 8.89 26.69 8.41
C SER A 556 8.12 27.92 7.94
N GLY A 557 8.48 29.08 8.49
CA GLY A 557 7.79 30.32 8.19
C GLY A 557 6.53 30.55 9.01
N GLY A 558 6.13 29.55 9.80
CA GLY A 558 4.83 29.58 10.44
C GLY A 558 4.75 30.16 11.84
N ASP A 559 5.87 30.65 12.36
CA ASP A 559 5.87 31.31 13.67
C ASP A 559 5.34 30.36 14.76
N ILE A 560 5.87 29.14 14.82
CA ILE A 560 5.40 28.13 15.79
C ILE A 560 6.41 27.84 16.91
N TYR A 561 5.92 27.78 18.14
CA TYR A 561 6.73 27.48 19.32
C TYR A 561 6.10 26.29 20.05
N HIS A 562 6.88 25.24 20.27
CA HIS A 562 6.38 24.02 20.89
C HIS A 562 7.05 23.77 22.23
N SER B 1 -1.17 -35.62 16.29
CA SER B 1 -1.25 -34.28 15.73
C SER B 1 -2.68 -33.98 15.30
N MET B 2 -3.44 -33.34 16.18
CA MET B 2 -4.83 -33.01 15.87
C MET B 2 -4.87 -31.84 14.91
N SER B 3 -5.78 -31.91 13.94
CA SER B 3 -5.92 -30.83 12.96
C SER B 3 -6.30 -29.52 13.63
N TYR B 4 -7.16 -29.60 14.64
CA TYR B 4 -7.56 -28.43 15.46
C TYR B 4 -7.68 -28.82 16.92
N SER B 5 -7.42 -27.86 17.80
CA SER B 5 -7.85 -27.95 19.19
C SER B 5 -8.88 -26.85 19.39
N TRP B 6 -9.85 -27.09 20.26
CA TRP B 6 -10.92 -26.12 20.47
C TRP B 6 -11.04 -25.76 21.94
N THR B 7 -11.40 -24.50 22.21
CA THR B 7 -11.58 -24.04 23.59
C THR B 7 -13.02 -24.16 24.08
N GLY B 8 -13.96 -24.27 23.14
CA GLY B 8 -15.38 -24.31 23.50
C GLY B 8 -16.13 -23.06 23.07
N ALA B 9 -15.40 -21.99 22.77
CA ALA B 9 -16.00 -20.78 22.23
C ALA B 9 -16.69 -21.06 20.90
N LEU B 10 -17.78 -20.35 20.62
CA LEU B 10 -18.53 -20.59 19.40
C LEU B 10 -18.02 -19.78 18.22
N VAL B 11 -18.17 -20.35 17.03
CA VAL B 11 -18.01 -19.61 15.78
C VAL B 11 -19.24 -18.71 15.63
N THR B 12 -19.01 -17.40 15.61
CA THR B 12 -20.10 -16.43 15.65
C THR B 12 -20.27 -15.68 14.33
N PRO B 13 -21.49 -15.21 14.05
CA PRO B 13 -21.68 -14.39 12.83
C PRO B 13 -21.21 -12.96 13.03
N CYS B 14 -20.95 -12.24 11.94
CA CYS B 14 -20.59 -10.84 12.03
C CYS B 14 -21.78 -9.98 11.65
N ALA B 15 -22.87 -10.64 11.28
CA ALA B 15 -24.08 -9.96 10.87
C ALA B 15 -25.25 -10.93 10.92
N ALA B 16 -26.45 -10.41 10.72
CA ALA B 16 -27.62 -11.27 10.63
C ALA B 16 -27.42 -12.29 9.51
N GLU B 17 -27.92 -13.50 9.70
CA GLU B 17 -27.81 -14.55 8.70
C GLU B 17 -29.18 -15.10 8.36
N GLU B 18 -29.59 -15.00 7.10
CA GLU B 18 -30.86 -15.57 6.68
C GLU B 18 -30.63 -17.05 6.35
N GLN B 19 -31.55 -17.90 6.80
CA GLN B 19 -31.41 -19.35 6.60
C GLN B 19 -32.26 -19.85 5.44
N LYS B 20 -33.48 -19.34 5.33
CA LYS B 20 -34.41 -19.80 4.31
C LYS B 20 -34.43 -18.86 3.08
N LEU B 21 -34.62 -19.42 1.91
CA LEU B 21 -34.73 -18.61 0.69
C LEU B 21 -35.82 -17.58 0.86
N PRO B 22 -35.46 -16.29 0.78
CA PRO B 22 -36.46 -15.22 0.89
C PRO B 22 -37.49 -15.29 -0.23
N ILE B 23 -38.73 -14.87 0.06
CA ILE B 23 -39.73 -14.84 -0.98
C ILE B 23 -39.64 -13.56 -1.80
N ASN B 24 -39.76 -13.73 -3.11
CA ASN B 24 -39.54 -12.66 -4.06
C ASN B 24 -40.20 -13.14 -5.36
N ALA B 25 -41.01 -12.30 -6.00
CA ALA B 25 -41.71 -12.71 -7.21
C ALA B 25 -40.74 -13.16 -8.30
N LEU B 26 -39.70 -12.38 -8.55
CA LEU B 26 -38.77 -12.76 -9.61
C LEU B 26 -37.99 -14.03 -9.28
N SER B 27 -37.61 -14.20 -8.02
CA SER B 27 -36.92 -15.43 -7.67
C SER B 27 -37.88 -16.61 -7.78
N ASN B 28 -39.14 -16.39 -7.39
CA ASN B 28 -40.13 -17.45 -7.42
C ASN B 28 -40.42 -17.87 -8.86
N SER B 29 -40.25 -16.96 -9.81
CA SER B 29 -40.46 -17.29 -11.22
C SER B 29 -39.41 -18.28 -11.74
N LEU B 30 -38.25 -18.33 -11.09
CA LEU B 30 -37.22 -19.33 -11.40
C LEU B 30 -37.53 -20.68 -10.74
N LEU B 31 -37.77 -20.65 -9.43
CA LEU B 31 -38.06 -21.88 -8.70
C LEU B 31 -39.01 -21.64 -7.53
N ARG B 32 -40.00 -22.53 -7.40
CA ARG B 32 -41.09 -22.33 -6.45
C ARG B 32 -41.00 -23.16 -5.18
N HIS B 33 -40.14 -24.18 -5.16
CA HIS B 33 -40.03 -25.01 -3.96
C HIS B 33 -39.03 -24.41 -2.99
N HIS B 34 -39.38 -23.23 -2.47
CA HIS B 34 -38.41 -22.42 -1.76
C HIS B 34 -37.99 -23.06 -0.44
N ASN B 35 -38.82 -23.94 0.10
CA ASN B 35 -38.49 -24.63 1.35
C ASN B 35 -37.32 -25.60 1.20
N LEU B 36 -36.96 -25.94 -0.03
CA LEU B 36 -35.84 -26.85 -0.28
C LEU B 36 -34.51 -26.11 -0.36
N VAL B 37 -34.56 -24.79 -0.46
CA VAL B 37 -33.35 -23.99 -0.65
C VAL B 37 -32.97 -23.27 0.63
N TYR B 38 -31.72 -23.47 1.07
CA TYR B 38 -31.29 -22.92 2.35
C TYR B 38 -29.89 -22.36 2.22
N SER B 39 -29.53 -21.46 3.13
CA SER B 39 -28.16 -21.02 3.28
C SER B 39 -27.57 -21.62 4.54
N THR B 40 -26.32 -22.04 4.46
CA THR B 40 -25.59 -22.45 5.65
C THR B 40 -25.35 -21.22 6.52
N THR B 41 -25.35 -21.40 7.84
CA THR B 41 -25.07 -20.30 8.76
C THR B 41 -24.22 -20.78 9.93
N SER B 42 -23.81 -19.84 10.76
CA SER B 42 -22.97 -20.16 11.92
C SER B 42 -23.66 -21.14 12.87
N ARG B 43 -24.98 -21.25 12.76
CA ARG B 43 -25.72 -22.15 13.64
C ARG B 43 -25.28 -23.60 13.53
N SER B 44 -24.70 -23.99 12.40
CA SER B 44 -24.27 -25.38 12.21
C SER B 44 -22.76 -25.53 12.33
N ALA B 45 -22.10 -24.49 12.81
CA ALA B 45 -20.63 -24.52 12.87
C ALA B 45 -20.11 -25.65 13.74
N CYS B 46 -20.77 -25.93 14.86
CA CYS B 46 -20.31 -27.00 15.76
C CYS B 46 -20.24 -28.36 15.06
N GLN B 47 -21.20 -28.63 14.18
CA GLN B 47 -21.22 -29.88 13.46
C GLN B 47 -20.01 -29.98 12.55
N ARG B 48 -19.68 -28.87 11.90
CA ARG B 48 -18.53 -28.85 11.00
C ARG B 48 -17.25 -28.97 11.80
N GLN B 49 -17.19 -28.30 12.94
CA GLN B 49 -16.02 -28.41 13.80
C GLN B 49 -15.70 -29.86 14.16
N LYS B 50 -16.72 -30.64 14.46
CA LYS B 50 -16.49 -32.03 14.83
C LYS B 50 -15.92 -32.79 13.63
N LYS B 51 -16.47 -32.52 12.45
CA LYS B 51 -16.08 -33.23 11.25
C LYS B 51 -14.63 -32.97 10.83
N VAL B 52 -14.18 -31.73 10.96
CA VAL B 52 -12.83 -31.36 10.49
C VAL B 52 -11.71 -31.59 11.52
N THR B 53 -12.07 -32.13 12.68
CA THR B 53 -11.12 -32.33 13.77
C THR B 53 -10.75 -33.80 13.92
N PHE B 54 -9.50 -34.12 13.62
CA PHE B 54 -9.04 -35.50 13.76
C PHE B 54 -7.53 -35.58 13.77
N ASP B 55 -7.01 -36.74 14.17
CA ASP B 55 -5.58 -36.98 14.23
C ASP B 55 -5.07 -37.32 12.83
N ARG B 56 -3.87 -36.84 12.50
CA ARG B 56 -3.28 -37.15 11.20
C ARG B 56 -2.07 -38.03 11.41
N LEU B 57 -2.14 -39.24 10.88
CA LEU B 57 -0.99 -40.14 10.86
C LEU B 57 -0.38 -40.05 9.48
N GLN B 58 0.93 -39.86 9.42
CA GLN B 58 1.58 -39.69 8.15
C GLN B 58 2.88 -40.45 8.08
N VAL B 59 2.98 -41.34 7.09
CA VAL B 59 4.19 -42.09 6.85
C VAL B 59 4.59 -41.92 5.39
N LEU B 60 5.77 -41.37 5.16
CA LEU B 60 6.22 -41.07 3.81
C LEU B 60 7.19 -42.15 3.35
N ASP B 61 7.15 -42.49 2.07
CA ASP B 61 7.96 -43.60 1.58
C ASP B 61 8.82 -43.18 0.40
N SER B 62 9.51 -44.14 -0.21
CA SER B 62 10.42 -43.82 -1.30
C SER B 62 9.71 -43.21 -2.52
N HIS B 63 8.50 -43.66 -2.83
CA HIS B 63 7.77 -43.05 -3.93
C HIS B 63 7.49 -41.57 -3.66
N TYR B 64 7.07 -41.26 -2.44
CA TYR B 64 6.77 -39.88 -2.07
C TYR B 64 8.03 -39.03 -2.24
N HIS B 65 9.15 -39.53 -1.72
CA HIS B 65 10.38 -38.78 -1.81
C HIS B 65 10.89 -38.61 -3.24
N ASP B 66 10.72 -39.65 -4.07
CA ASP B 66 11.10 -39.55 -5.47
C ASP B 66 10.30 -38.45 -6.17
N VAL B 67 9.00 -38.39 -5.93
CA VAL B 67 8.16 -37.40 -6.57
C VAL B 67 8.51 -36.00 -6.05
N LEU B 68 8.75 -35.88 -4.76
CA LEU B 68 9.12 -34.58 -4.19
C LEU B 68 10.39 -34.05 -4.83
N LYS B 69 11.35 -34.94 -5.09
CA LYS B 69 12.58 -34.54 -5.78
C LYS B 69 12.31 -33.98 -7.17
N GLU B 70 11.44 -34.65 -7.93
CA GLU B 70 11.03 -34.18 -9.25
C GLU B 70 10.41 -32.79 -9.16
N VAL B 71 9.52 -32.62 -8.19
CA VAL B 71 8.80 -31.37 -8.01
C VAL B 71 9.75 -30.24 -7.71
N LYS B 72 10.68 -30.45 -6.78
CA LYS B 72 11.68 -29.44 -6.45
C LYS B 72 12.57 -29.09 -7.65
N ALA B 73 12.99 -30.10 -8.40
CA ALA B 73 13.76 -29.85 -9.61
C ALA B 73 12.99 -28.96 -10.59
N ALA B 74 11.70 -29.24 -10.76
CA ALA B 74 10.88 -28.49 -11.71
C ALA B 74 10.68 -27.05 -11.22
N ALA B 75 10.50 -26.90 -9.91
CA ALA B 75 10.25 -25.59 -9.32
C ALA B 75 11.41 -24.62 -9.54
N SER B 76 12.63 -25.17 -9.65
CA SER B 76 13.82 -24.35 -9.80
C SER B 76 13.89 -23.62 -11.14
N LYS B 77 12.95 -23.91 -12.03
CA LYS B 77 12.86 -23.22 -13.31
C LYS B 77 12.12 -21.89 -13.18
N VAL B 78 11.46 -21.69 -12.05
CA VAL B 78 10.57 -20.55 -11.88
C VAL B 78 11.33 -19.34 -11.34
N LYS B 79 11.07 -18.18 -11.95
CA LYS B 79 11.52 -16.91 -11.39
C LYS B 79 10.29 -16.10 -11.01
N ALA B 80 10.21 -15.69 -9.74
CA ALA B 80 9.06 -14.94 -9.26
C ALA B 80 9.50 -13.61 -8.67
N ASN B 81 8.69 -12.57 -8.85
CA ASN B 81 9.03 -11.24 -8.36
C ASN B 81 8.15 -10.80 -7.21
N LEU B 82 8.66 -9.88 -6.41
CA LEU B 82 7.82 -9.19 -5.43
C LEU B 82 6.79 -8.33 -6.15
N LEU B 83 5.61 -8.21 -5.56
CA LEU B 83 4.65 -7.17 -5.95
C LEU B 83 4.84 -5.95 -5.07
N SER B 84 4.70 -4.77 -5.66
CA SER B 84 4.71 -3.54 -4.88
C SER B 84 3.46 -3.48 -3.99
N VAL B 85 3.52 -2.65 -2.96
CA VAL B 85 2.34 -2.44 -2.12
C VAL B 85 1.16 -2.00 -2.97
N GLU B 86 1.41 -1.06 -3.87
CA GLU B 86 0.39 -0.55 -4.78
C GLU B 86 -0.25 -1.66 -5.61
N GLU B 87 0.58 -2.52 -6.20
CA GLU B 87 0.05 -3.63 -7.01
C GLU B 87 -0.78 -4.60 -6.16
N ALA B 88 -0.30 -4.89 -4.96
CA ALA B 88 -0.99 -5.85 -4.10
C ALA B 88 -2.32 -5.26 -3.63
N CYS B 89 -2.33 -3.96 -3.35
CA CYS B 89 -3.56 -3.30 -2.97
C CYS B 89 -4.62 -3.47 -4.05
N SER B 90 -4.21 -3.31 -5.30
CA SER B 90 -5.14 -3.35 -6.42
C SER B 90 -5.75 -4.71 -6.70
N LEU B 91 -5.15 -5.76 -6.14
CA LEU B 91 -5.67 -7.11 -6.26
C LEU B 91 -6.71 -7.43 -5.18
N THR B 92 -6.98 -6.46 -4.30
CA THR B 92 -7.90 -6.68 -3.18
C THR B 92 -9.35 -6.46 -3.62
N PRO B 93 -10.23 -7.44 -3.37
CA PRO B 93 -11.64 -7.23 -3.76
C PRO B 93 -12.34 -6.15 -2.94
N PRO B 94 -13.26 -5.41 -3.57
CA PRO B 94 -13.95 -4.33 -2.84
C PRO B 94 -14.75 -4.87 -1.64
N HIS B 95 -15.16 -6.12 -1.69
CA HIS B 95 -15.94 -6.73 -0.61
C HIS B 95 -15.07 -7.52 0.38
N SER B 96 -13.76 -7.38 0.29
CA SER B 96 -12.83 -8.08 1.20
C SER B 96 -13.08 -7.68 2.66
N ALA B 97 -12.90 -8.62 3.59
CA ALA B 97 -13.15 -8.38 5.00
C ALA B 97 -12.32 -7.22 5.58
N LYS B 98 -12.96 -6.29 6.27
CA LYS B 98 -12.26 -5.14 6.82
C LYS B 98 -11.19 -5.56 7.83
N SER B 99 -10.22 -4.68 8.04
CA SER B 99 -9.18 -4.92 9.03
C SER B 99 -9.67 -4.66 10.45
N LYS B 100 -9.05 -5.33 11.42
CA LYS B 100 -9.28 -5.02 12.83
C LYS B 100 -8.56 -3.76 13.24
N PHE B 101 -7.76 -3.22 12.32
CA PHE B 101 -6.90 -2.09 12.64
C PHE B 101 -7.35 -0.77 12.02
N GLY B 102 -8.66 -0.62 11.83
CA GLY B 102 -9.26 0.68 11.55
C GLY B 102 -9.36 1.10 10.09
N TYR B 103 -9.39 0.14 9.19
CA TYR B 103 -9.53 0.46 7.78
C TYR B 103 -10.11 -0.75 7.08
N GLY B 104 -10.65 -0.54 5.87
CA GLY B 104 -11.27 -1.63 5.14
C GLY B 104 -10.78 -1.76 3.72
N ALA B 105 -11.47 -2.58 2.93
CA ALA B 105 -11.04 -2.90 1.57
C ALA B 105 -11.03 -1.68 0.66
N LYS B 106 -12.01 -0.80 0.83
CA LYS B 106 -12.06 0.43 0.06
C LYS B 106 -10.83 1.28 0.34
N ASP B 107 -10.40 1.30 1.59
CA ASP B 107 -9.22 2.06 1.98
C ASP B 107 -7.96 1.49 1.34
N VAL B 108 -7.86 0.17 1.31
CA VAL B 108 -6.73 -0.47 0.67
C VAL B 108 -6.67 -0.14 -0.81
N ARG B 109 -7.83 -0.25 -1.48
CA ARG B 109 -7.89 -0.04 -2.93
C ARG B 109 -7.60 1.40 -3.35
N CYS B 110 -7.89 2.37 -2.48
CA CYS B 110 -7.58 3.76 -2.80
C CYS B 110 -6.22 4.17 -2.24
N HIS B 111 -5.51 3.22 -1.65
CA HIS B 111 -4.18 3.46 -1.11
C HIS B 111 -4.21 4.50 0.02
N ALA B 112 -5.29 4.45 0.80
CA ALA B 112 -5.49 5.39 1.90
C ALA B 112 -4.36 5.29 2.93
N ARG B 113 -3.99 6.42 3.51
CA ARG B 113 -2.82 6.51 4.37
C ARG B 113 -2.81 5.50 5.54
N LYS B 114 -3.94 5.34 6.22
CA LYS B 114 -3.99 4.45 7.38
C LYS B 114 -3.74 3.00 6.97
N ALA B 115 -4.39 2.60 5.88
CA ALA B 115 -4.27 1.25 5.36
C ALA B 115 -2.84 0.97 4.94
N VAL B 116 -2.26 1.87 4.15
CA VAL B 116 -0.89 1.66 3.68
C VAL B 116 0.13 1.65 4.82
N ALA B 117 -0.03 2.54 5.80
CA ALA B 117 0.88 2.55 6.94
C ALA B 117 0.86 1.21 7.66
N HIS B 118 -0.34 0.67 7.87
CA HIS B 118 -0.45 -0.61 8.55
C HIS B 118 0.18 -1.75 7.74
N ILE B 119 -0.09 -1.76 6.44
CA ILE B 119 0.44 -2.80 5.57
C ILE B 119 1.96 -2.76 5.62
N ASN B 120 2.52 -1.56 5.57
CA ASN B 120 3.96 -1.46 5.65
C ASN B 120 4.50 -1.94 7.00
N SER B 121 3.75 -1.67 8.06
CA SER B 121 4.17 -2.11 9.39
C SER B 121 4.10 -3.63 9.51
N VAL B 122 3.13 -4.23 8.83
CA VAL B 122 3.01 -5.71 8.83
C VAL B 122 4.18 -6.33 8.08
N TRP B 123 4.52 -5.75 6.93
CA TRP B 123 5.64 -6.25 6.13
C TRP B 123 6.95 -6.17 6.91
N LYS B 124 7.20 -5.03 7.55
CA LYS B 124 8.42 -4.86 8.34
C LYS B 124 8.44 -5.91 9.43
N ASP B 125 7.29 -6.17 10.04
CA ASP B 125 7.23 -7.13 11.13
C ASP B 125 7.46 -8.56 10.63
N LEU B 126 7.03 -8.85 9.42
CA LEU B 126 7.32 -10.15 8.82
C LEU B 126 8.81 -10.32 8.60
N LEU B 127 9.50 -9.24 8.25
CA LEU B 127 10.94 -9.31 8.03
C LEU B 127 11.71 -9.48 9.32
N GLU B 128 11.15 -8.97 10.42
CA GLU B 128 11.90 -8.92 11.68
C GLU B 128 11.58 -10.05 12.65
N ASP B 129 10.39 -10.63 12.51
CA ASP B 129 9.92 -11.68 13.39
C ASP B 129 9.53 -12.90 12.54
N SER B 130 10.22 -14.02 12.73
CA SER B 130 9.89 -15.22 11.94
C SER B 130 9.14 -16.28 12.75
N VAL B 131 8.70 -15.94 13.96
CA VAL B 131 8.26 -16.99 14.89
C VAL B 131 6.84 -16.82 15.45
N THR B 132 6.46 -15.61 15.83
CA THR B 132 5.22 -15.42 16.58
C THR B 132 3.97 -15.74 15.77
N PRO B 133 3.16 -16.70 16.23
CA PRO B 133 1.99 -17.03 15.40
C PRO B 133 1.12 -15.80 15.16
N ILE B 134 0.60 -15.70 13.93
CA ILE B 134 -0.26 -14.58 13.54
C ILE B 134 -1.75 -14.93 13.75
N ASP B 135 -2.51 -13.96 14.26
CA ASP B 135 -3.92 -14.21 14.53
C ASP B 135 -4.72 -14.50 13.25
N THR B 136 -5.72 -15.36 13.37
CA THR B 136 -6.65 -15.58 12.28
C THR B 136 -8.07 -15.52 12.79
N THR B 137 -8.99 -15.21 11.88
CA THR B 137 -10.41 -15.20 12.20
C THR B 137 -11.04 -16.46 11.63
N ILE B 138 -11.90 -17.10 12.41
CA ILE B 138 -12.67 -18.22 11.89
C ILE B 138 -14.13 -17.79 11.72
N MET B 139 -14.68 -18.07 10.55
CA MET B 139 -16.08 -17.72 10.27
C MET B 139 -16.78 -18.89 9.58
N ALA B 140 -18.10 -18.94 9.71
CA ALA B 140 -18.89 -19.92 8.99
C ALA B 140 -19.27 -19.29 7.66
N LYS B 141 -19.00 -19.99 6.56
CA LYS B 141 -19.40 -19.49 5.25
C LYS B 141 -20.91 -19.58 5.10
N ASN B 142 -21.49 -18.59 4.41
CA ASN B 142 -22.90 -18.61 4.08
C ASN B 142 -23.05 -19.01 2.63
N GLU B 143 -23.37 -20.28 2.39
CA GLU B 143 -23.48 -20.80 1.03
C GLU B 143 -24.82 -21.49 0.86
N VAL B 144 -25.37 -21.38 -0.35
CA VAL B 144 -26.72 -21.83 -0.62
C VAL B 144 -26.72 -23.20 -1.30
N PHE B 145 -27.60 -24.08 -0.81
CA PHE B 145 -27.75 -25.42 -1.36
C PHE B 145 -29.22 -25.79 -1.43
N CYS B 146 -29.51 -26.93 -2.06
CA CYS B 146 -30.83 -27.54 -2.00
C CYS B 146 -30.75 -28.75 -1.07
N VAL B 147 -31.76 -28.95 -0.25
CA VAL B 147 -31.74 -30.10 0.65
C VAL B 147 -31.72 -31.40 -0.14
N GLN B 148 -31.00 -32.38 0.37
CA GLN B 148 -31.01 -33.72 -0.20
C GLN B 148 -31.25 -34.73 0.90
N PRO B 149 -32.53 -34.97 1.23
CA PRO B 149 -32.94 -35.80 2.38
C PRO B 149 -32.30 -37.19 2.34
N GLU B 150 -32.16 -37.75 1.14
CA GLU B 150 -31.58 -39.07 0.98
C GLU B 150 -30.07 -39.03 1.12
N LYS B 151 -29.57 -37.91 1.64
CA LYS B 151 -28.12 -37.67 1.71
C LYS B 151 -27.71 -37.10 3.07
N GLY B 152 -28.70 -36.74 3.89
CA GLY B 152 -28.42 -36.22 5.22
C GLY B 152 -29.27 -35.05 5.67
N GLY B 153 -29.87 -34.33 4.72
CA GLY B 153 -30.66 -33.15 5.04
C GLY B 153 -29.95 -31.86 4.64
N ARG B 154 -29.62 -31.03 5.63
CA ARG B 154 -28.86 -29.81 5.39
C ARG B 154 -27.39 -29.99 5.74
N LYS B 155 -26.50 -29.54 4.85
CA LYS B 155 -25.06 -29.57 5.10
C LYS B 155 -24.71 -28.54 6.17
N PRO B 156 -23.77 -28.88 7.07
CA PRO B 156 -23.27 -27.84 7.98
C PRO B 156 -22.40 -26.83 7.23
N ALA B 157 -22.32 -25.61 7.74
CA ALA B 157 -21.49 -24.58 7.12
C ALA B 157 -20.02 -25.03 7.00
N ARG B 158 -19.37 -24.62 5.91
CA ARG B 158 -17.93 -24.77 5.83
C ARG B 158 -17.33 -23.65 6.65
N LEU B 159 -16.14 -23.88 7.18
CA LEU B 159 -15.45 -22.86 7.96
C LEU B 159 -14.40 -22.22 7.09
N ILE B 160 -14.23 -20.91 7.24
CA ILE B 160 -13.11 -20.23 6.57
C ILE B 160 -12.20 -19.63 7.64
N VAL B 161 -10.89 -19.74 7.45
CA VAL B 161 -9.91 -19.23 8.41
C VAL B 161 -8.98 -18.30 7.64
N PHE B 162 -8.91 -17.05 8.08
CA PHE B 162 -8.16 -16.03 7.35
C PHE B 162 -7.49 -15.00 8.26
N PRO B 163 -6.31 -14.52 7.84
CA PRO B 163 -5.62 -13.48 8.63
C PRO B 163 -6.21 -12.11 8.31
N ASP B 164 -5.73 -11.10 9.05
CA ASP B 164 -6.19 -9.74 8.85
C ASP B 164 -5.88 -9.22 7.45
N LEU B 165 -6.68 -8.25 7.01
CA LEU B 165 -6.52 -7.64 5.70
C LEU B 165 -5.08 -7.16 5.43
N GLY B 166 -4.42 -6.62 6.45
CA GLY B 166 -3.06 -6.14 6.29
C GLY B 166 -2.12 -7.28 5.93
N VAL B 167 -2.29 -8.41 6.60
CA VAL B 167 -1.52 -9.61 6.29
C VAL B 167 -1.83 -10.10 4.87
N ARG B 168 -3.10 -10.11 4.49
CA ARG B 168 -3.47 -10.60 3.17
C ARG B 168 -2.78 -9.82 2.06
N VAL B 169 -2.65 -8.50 2.23
CA VAL B 169 -1.96 -7.72 1.22
C VAL B 169 -0.48 -8.12 1.17
N CYS B 170 0.11 -8.36 2.34
CA CYS B 170 1.48 -8.82 2.42
C CYS B 170 1.69 -10.20 1.78
N GLU B 171 0.70 -11.07 1.86
CA GLU B 171 0.81 -12.37 1.20
C GLU B 171 0.93 -12.18 -0.31
N LYS B 172 0.16 -11.25 -0.85
CA LYS B 172 0.20 -10.99 -2.28
C LYS B 172 1.59 -10.47 -2.65
N MET B 173 2.10 -9.52 -1.89
CA MET B 173 3.43 -9.00 -2.17
C MET B 173 4.45 -10.13 -2.30
N ALA B 174 4.45 -11.04 -1.33
CA ALA B 174 5.46 -12.10 -1.26
C ALA B 174 5.22 -13.24 -2.25
N LEU B 175 3.94 -13.55 -2.51
CA LEU B 175 3.61 -14.85 -3.10
C LEU B 175 2.68 -14.87 -4.32
N TYR B 176 2.08 -13.74 -4.67
CA TYR B 176 1.16 -13.74 -5.82
C TYR B 176 1.83 -14.29 -7.09
N ASP B 177 3.05 -13.84 -7.38
CA ASP B 177 3.74 -14.32 -8.57
C ASP B 177 4.08 -15.82 -8.45
N VAL B 178 4.54 -16.25 -7.27
CA VAL B 178 4.82 -17.68 -7.04
C VAL B 178 3.58 -18.55 -7.29
N VAL B 179 2.47 -18.23 -6.65
CA VAL B 179 1.28 -19.10 -6.77
C VAL B 179 0.63 -19.02 -8.16
N SER B 180 1.01 -18.00 -8.93
CA SER B 180 0.52 -17.82 -10.28
C SER B 180 1.33 -18.60 -11.32
N LYS B 181 2.55 -18.99 -10.97
CA LYS B 181 3.48 -19.60 -11.92
C LYS B 181 3.90 -21.03 -11.56
N LEU B 182 3.91 -21.34 -10.28
CA LEU B 182 4.56 -22.56 -9.79
C LEU B 182 3.84 -23.86 -10.14
N PRO B 183 2.51 -23.91 -9.96
CA PRO B 183 1.84 -25.17 -10.26
C PRO B 183 2.03 -25.61 -11.73
N LEU B 184 1.89 -24.70 -12.67
CA LEU B 184 2.13 -25.06 -14.07
C LEU B 184 3.55 -25.58 -14.30
N ALA B 185 4.55 -24.89 -13.74
CA ALA B 185 5.93 -25.33 -13.89
C ALA B 185 6.17 -26.74 -13.35
N VAL B 186 5.53 -27.05 -12.23
CA VAL B 186 5.73 -28.34 -11.57
C VAL B 186 4.95 -29.47 -12.21
N MET B 187 3.72 -29.17 -12.61
CA MET B 187 2.75 -30.20 -12.98
C MET B 187 2.46 -30.28 -14.47
N GLY B 188 2.89 -29.28 -15.23
CA GLY B 188 2.61 -29.26 -16.66
C GLY B 188 1.13 -29.43 -16.96
N SER B 189 0.80 -30.33 -17.87
CA SER B 189 -0.58 -30.47 -18.34
C SER B 189 -1.52 -30.99 -17.26
N SER B 190 -0.97 -31.47 -16.15
CA SER B 190 -1.81 -31.95 -15.05
C SER B 190 -2.44 -30.85 -14.19
N TYR B 191 -1.99 -29.60 -14.35
CA TYR B 191 -2.57 -28.49 -13.58
C TYR B 191 -3.88 -28.04 -14.18
N GLY B 192 -4.98 -28.30 -13.48
CA GLY B 192 -6.30 -28.15 -14.04
C GLY B 192 -6.76 -26.72 -14.25
N PHE B 193 -6.22 -25.79 -13.49
CA PHE B 193 -6.67 -24.39 -13.54
C PHE B 193 -6.09 -23.62 -14.73
N GLN B 194 -5.23 -24.25 -15.51
CA GLN B 194 -4.72 -23.62 -16.73
C GLN B 194 -5.73 -23.72 -17.87
N TYR B 195 -6.79 -24.49 -17.68
CA TYR B 195 -7.76 -24.78 -18.75
C TYR B 195 -9.09 -24.03 -18.60
N SER B 196 -9.57 -23.45 -19.69
CA SER B 196 -10.99 -23.08 -19.81
C SER B 196 -11.80 -24.38 -19.80
N PRO B 197 -13.13 -24.29 -19.59
CA PRO B 197 -13.97 -25.49 -19.62
C PRO B 197 -13.81 -26.33 -20.90
N GLY B 198 -13.74 -25.68 -22.05
CA GLY B 198 -13.56 -26.38 -23.31
C GLY B 198 -12.20 -27.06 -23.38
N GLN B 199 -11.19 -26.38 -22.86
CA GLN B 199 -9.84 -26.94 -22.84
C GLN B 199 -9.74 -28.13 -21.89
N ARG B 200 -10.50 -28.08 -20.79
CA ARG B 200 -10.52 -29.17 -19.83
C ARG B 200 -11.16 -30.39 -20.47
N VAL B 201 -12.28 -30.15 -21.15
CA VAL B 201 -12.95 -31.22 -21.87
C VAL B 201 -12.00 -31.84 -22.91
N GLU B 202 -11.30 -30.99 -23.64
CA GLU B 202 -10.35 -31.45 -24.65
C GLU B 202 -9.27 -32.33 -24.01
N PHE B 203 -8.74 -31.88 -22.88
CA PHE B 203 -7.69 -32.61 -22.18
C PHE B 203 -8.20 -34.00 -21.79
N LEU B 204 -9.39 -34.04 -21.18
CA LEU B 204 -9.94 -35.31 -20.70
C LEU B 204 -10.27 -36.28 -21.82
N VAL B 205 -10.89 -35.77 -22.89
CA VAL B 205 -11.23 -36.61 -24.03
C VAL B 205 -9.98 -37.17 -24.70
N GLN B 206 -8.96 -36.32 -24.87
CA GLN B 206 -7.71 -36.79 -25.49
C GLN B 206 -7.03 -37.85 -24.62
N ALA B 207 -7.05 -37.65 -23.31
CA ALA B 207 -6.46 -38.60 -22.37
C ALA B 207 -7.17 -39.94 -22.45
N TRP B 208 -8.50 -39.89 -22.48
CA TRP B 208 -9.32 -41.09 -22.53
C TRP B 208 -9.04 -41.87 -23.81
N LYS B 209 -8.98 -41.15 -24.93
CA LYS B 209 -8.82 -41.79 -26.23
C LYS B 209 -7.40 -42.31 -26.45
N SER B 210 -6.48 -41.88 -25.59
CA SER B 210 -5.07 -42.25 -25.74
C SER B 210 -4.74 -43.60 -25.12
N LYS B 211 -5.68 -44.14 -24.35
CA LYS B 211 -5.49 -45.47 -23.74
C LYS B 211 -6.11 -46.52 -24.64
N LYS B 212 -5.56 -47.74 -24.64
CA LYS B 212 -6.14 -48.82 -25.41
C LYS B 212 -7.47 -49.24 -24.79
N THR B 213 -7.46 -49.43 -23.48
CA THR B 213 -8.68 -49.62 -22.72
C THR B 213 -8.61 -48.70 -21.50
N PRO B 214 -9.27 -47.55 -21.59
CA PRO B 214 -9.19 -46.58 -20.50
C PRO B 214 -10.00 -46.98 -19.27
N MET B 215 -9.47 -46.63 -18.11
CA MET B 215 -10.18 -46.66 -16.84
C MET B 215 -9.89 -45.33 -16.15
N GLY B 216 -10.89 -44.77 -15.48
CA GLY B 216 -10.65 -43.54 -14.74
C GLY B 216 -11.36 -43.54 -13.41
N PHE B 217 -10.92 -42.66 -12.51
CA PHE B 217 -11.62 -42.51 -11.24
C PHE B 217 -11.36 -41.10 -10.70
N SER B 218 -12.29 -40.59 -9.90
CA SER B 218 -12.07 -39.39 -9.10
C SER B 218 -11.74 -39.88 -7.70
N TYR B 219 -10.91 -39.12 -6.97
CA TYR B 219 -10.58 -39.48 -5.61
C TYR B 219 -11.00 -38.37 -4.68
N ASP B 220 -11.90 -38.68 -3.76
CA ASP B 220 -12.40 -37.65 -2.86
C ASP B 220 -11.76 -37.80 -1.49
N THR B 221 -10.86 -36.88 -1.16
CA THR B 221 -10.22 -36.91 0.15
C THR B 221 -11.19 -36.36 1.17
N ARG B 222 -11.31 -37.02 2.32
CA ARG B 222 -12.18 -36.53 3.37
C ARG B 222 -11.55 -35.28 4.00
N CYS B 223 -12.21 -34.13 3.88
CA CYS B 223 -11.76 -32.89 4.51
C CYS B 223 -10.30 -32.59 4.23
N PHE B 224 -9.98 -32.40 2.96
CA PHE B 224 -8.59 -32.25 2.53
C PHE B 224 -7.81 -31.24 3.36
N ASP B 225 -8.34 -30.05 3.58
CA ASP B 225 -7.57 -29.05 4.32
C ASP B 225 -7.09 -29.58 5.67
N SER B 226 -7.93 -30.37 6.34
CA SER B 226 -7.57 -30.91 7.66
C SER B 226 -6.52 -32.01 7.58
N THR B 227 -6.43 -32.69 6.42
CA THR B 227 -5.41 -33.73 6.24
C THR B 227 -4.02 -33.18 5.99
N VAL B 228 -3.94 -31.90 5.64
CA VAL B 228 -2.66 -31.29 5.36
C VAL B 228 -1.90 -31.10 6.67
N THR B 229 -0.72 -31.68 6.75
CA THR B 229 0.05 -31.66 8.00
C THR B 229 1.04 -30.50 8.08
N GLU B 230 1.57 -30.28 9.27
CA GLU B 230 2.60 -29.26 9.45
C GLU B 230 3.81 -29.55 8.55
N SER B 231 4.21 -30.81 8.45
CA SER B 231 5.29 -31.13 7.54
C SER B 231 4.93 -30.90 6.07
N ASP B 232 3.68 -31.17 5.67
CA ASP B 232 3.26 -30.88 4.30
C ASP B 232 3.48 -29.41 4.03
N ILE B 233 3.13 -28.59 5.01
CA ILE B 233 3.14 -27.14 4.82
C ILE B 233 4.57 -26.60 4.78
N ARG B 234 5.43 -27.19 5.60
CA ARG B 234 6.85 -26.83 5.52
C ARG B 234 7.48 -27.32 4.22
N THR B 235 6.98 -28.43 3.69
CA THR B 235 7.44 -28.90 2.39
C THR B 235 7.04 -27.94 1.27
N GLU B 236 5.83 -27.38 1.37
CA GLU B 236 5.41 -26.38 0.39
C GLU B 236 6.39 -25.19 0.41
N GLU B 237 6.78 -24.77 1.60
CA GLU B 237 7.74 -23.65 1.74
C GLU B 237 9.05 -23.99 1.05
N ALA B 238 9.52 -25.22 1.27
CA ALA B 238 10.78 -25.67 0.68
C ALA B 238 10.69 -25.67 -0.84
N ILE B 239 9.51 -26.00 -1.36
CA ILE B 239 9.28 -25.91 -2.80
C ILE B 239 9.27 -24.45 -3.29
N TYR B 240 8.57 -23.55 -2.59
CA TYR B 240 8.58 -22.15 -3.00
C TYR B 240 10.01 -21.60 -3.08
N GLN B 241 10.86 -22.01 -2.14
CA GLN B 241 12.22 -21.46 -2.06
C GLN B 241 13.11 -22.02 -3.17
N CYS B 242 12.60 -22.99 -3.93
CA CYS B 242 13.37 -23.49 -5.07
C CYS B 242 13.38 -22.51 -6.24
N CYS B 243 12.39 -21.61 -6.27
CA CYS B 243 12.31 -20.57 -7.29
C CYS B 243 13.44 -19.56 -7.11
N ASP B 244 13.77 -18.83 -8.17
CA ASP B 244 14.61 -17.65 -8.05
C ASP B 244 13.74 -16.53 -7.50
N LEU B 245 14.02 -16.11 -6.27
CA LEU B 245 13.22 -15.10 -5.57
C LEU B 245 14.10 -13.96 -5.10
N ASP B 246 13.48 -12.82 -4.81
CA ASP B 246 14.17 -11.69 -4.19
C ASP B 246 14.51 -12.05 -2.75
N PRO B 247 15.65 -11.56 -2.23
CA PRO B 247 16.03 -11.78 -0.82
C PRO B 247 14.90 -11.45 0.19
N GLN B 248 14.24 -10.30 0.05
CA GLN B 248 13.16 -9.99 1.00
C GLN B 248 12.01 -10.98 0.87
N ALA B 249 11.72 -11.39 -0.35
CA ALA B 249 10.67 -12.41 -0.55
C ALA B 249 11.00 -13.69 0.20
N ARG B 250 12.26 -14.13 0.14
CA ARG B 250 12.61 -15.36 0.82
C ARG B 250 12.34 -15.28 2.31
N VAL B 251 12.63 -14.12 2.91
CA VAL B 251 12.42 -13.97 4.33
C VAL B 251 10.92 -13.93 4.64
N ALA B 252 10.16 -13.16 3.86
CA ALA B 252 8.72 -13.04 4.09
C ALA B 252 8.00 -14.37 3.94
N ILE B 253 8.40 -15.16 2.96
CA ILE B 253 7.79 -16.47 2.72
C ILE B 253 8.03 -17.45 3.88
N LYS B 254 9.25 -17.44 4.41
CA LYS B 254 9.56 -18.26 5.58
C LYS B 254 8.73 -17.80 6.77
N SER B 255 8.63 -16.49 6.95
CA SER B 255 7.86 -15.95 8.09
C SER B 255 6.39 -16.27 7.96
N LEU B 256 5.84 -16.07 6.78
CA LEU B 256 4.44 -16.42 6.52
C LEU B 256 4.20 -17.89 6.77
N THR B 257 5.14 -18.74 6.38
CA THR B 257 4.99 -20.16 6.61
C THR B 257 4.96 -20.49 8.10
N GLU B 258 5.96 -20.04 8.84
CA GLU B 258 6.06 -20.41 10.25
C GLU B 258 5.03 -19.72 11.15
N ARG B 259 4.59 -18.53 10.75
CA ARG B 259 3.70 -17.76 11.60
C ARG B 259 2.23 -17.87 11.24
N LEU B 260 1.95 -18.30 10.01
CA LEU B 260 0.57 -18.31 9.52
C LEU B 260 0.23 -19.64 8.87
N TYR B 261 0.97 -20.03 7.84
CA TYR B 261 0.54 -21.21 7.09
C TYR B 261 0.55 -22.52 7.91
N VAL B 262 1.59 -22.74 8.71
CA VAL B 262 1.73 -24.03 9.41
C VAL B 262 0.74 -24.15 10.58
N GLY B 263 0.15 -23.03 11.00
CA GLY B 263 -0.83 -23.05 12.06
C GLY B 263 -0.94 -21.74 12.81
N GLY B 264 -1.84 -21.71 13.79
CA GLY B 264 -2.00 -20.51 14.58
C GLY B 264 -3.34 -20.45 15.30
N PRO B 265 -3.50 -19.43 16.16
CA PRO B 265 -4.72 -19.29 16.95
C PRO B 265 -5.91 -18.86 16.10
N LEU B 266 -7.11 -19.27 16.54
CA LEU B 266 -8.36 -18.97 15.86
C LEU B 266 -9.18 -18.05 16.74
N THR B 267 -9.62 -16.93 16.18
CA THR B 267 -10.43 -15.97 16.91
C THR B 267 -11.77 -15.79 16.23
N ASN B 268 -12.86 -15.77 16.99
CA ASN B 268 -14.16 -15.53 16.35
C ASN B 268 -14.43 -14.06 16.09
N SER B 269 -15.56 -13.76 15.48
CA SER B 269 -15.88 -12.38 15.09
C SER B 269 -16.05 -11.46 16.30
N ARG B 270 -16.22 -12.06 17.48
CA ARG B 270 -16.38 -11.29 18.72
C ARG B 270 -15.06 -11.15 19.46
N GLY B 271 -13.99 -11.67 18.89
CA GLY B 271 -12.67 -11.52 19.47
C GLY B 271 -12.32 -12.60 20.47
N GLU B 272 -13.16 -13.63 20.55
CA GLU B 272 -12.97 -14.72 21.49
C GLU B 272 -12.04 -15.79 20.90
N ASN B 273 -11.22 -16.39 21.76
CA ASN B 273 -10.27 -17.41 21.34
C ASN B 273 -10.97 -18.76 21.17
N CYS B 274 -11.06 -19.25 19.93
CA CYS B 274 -11.83 -20.45 19.62
C CYS B 274 -10.99 -21.72 19.66
N GLY B 275 -9.69 -21.58 19.51
CA GLY B 275 -8.81 -22.74 19.50
C GLY B 275 -7.57 -22.51 18.68
N TYR B 276 -7.02 -23.58 18.13
CA TYR B 276 -5.74 -23.51 17.47
C TYR B 276 -5.72 -24.47 16.29
N ARG B 277 -5.13 -24.01 15.19
CA ARG B 277 -5.09 -24.79 13.94
C ARG B 277 -3.69 -25.33 13.68
N ARG B 278 -3.61 -26.56 13.20
CA ARG B 278 -2.35 -27.22 12.87
C ARG B 278 -2.47 -27.87 11.48
N CYS B 279 -3.25 -27.24 10.61
CA CYS B 279 -3.49 -27.76 9.27
C CYS B 279 -3.68 -26.58 8.32
N ARG B 280 -4.09 -26.86 7.09
CA ARG B 280 -4.21 -25.80 6.09
C ARG B 280 -5.25 -24.76 6.49
N ALA B 281 -4.90 -23.48 6.37
CA ALA B 281 -5.90 -22.42 6.46
C ALA B 281 -6.63 -22.31 5.13
N SER B 282 -7.95 -22.24 5.17
CA SER B 282 -8.77 -22.26 3.95
C SER B 282 -8.87 -20.89 3.28
N GLY B 283 -8.45 -19.86 3.99
CA GLY B 283 -8.56 -18.51 3.47
C GLY B 283 -7.24 -17.78 3.40
N VAL B 284 -6.23 -18.41 2.82
CA VAL B 284 -4.96 -17.73 2.55
C VAL B 284 -4.63 -17.80 1.06
N LEU B 285 -3.67 -16.98 0.63
CA LEU B 285 -3.34 -16.89 -0.78
C LEU B 285 -2.83 -18.22 -1.30
N THR B 286 -2.16 -18.98 -0.43
CA THR B 286 -1.55 -20.22 -0.83
C THR B 286 -2.46 -21.44 -0.70
N THR B 287 -3.73 -21.23 -0.36
CA THR B 287 -4.64 -22.36 -0.22
C THR B 287 -4.72 -23.20 -1.50
N SER B 288 -4.95 -22.55 -2.65
CA SER B 288 -5.12 -23.32 -3.89
C SER B 288 -3.82 -23.95 -4.35
N CYS B 289 -2.76 -23.14 -4.40
CA CYS B 289 -1.47 -23.63 -4.84
C CYS B 289 -0.97 -24.73 -3.93
N GLY B 290 -1.05 -24.50 -2.62
CA GLY B 290 -0.62 -25.49 -1.65
C GLY B 290 -1.41 -26.78 -1.81
N ASN B 291 -2.72 -26.67 -1.91
CA ASN B 291 -3.56 -27.87 -2.01
C ASN B 291 -3.28 -28.63 -3.30
N THR B 292 -3.09 -27.88 -4.39
CA THR B 292 -2.78 -28.51 -5.68
C THR B 292 -1.46 -29.25 -5.64
N LEU B 293 -0.43 -28.57 -5.13
CA LEU B 293 0.90 -29.19 -5.07
C LEU B 293 0.89 -30.42 -4.19
N THR B 294 0.29 -30.30 -3.01
CA THR B 294 0.30 -31.40 -2.06
C THR B 294 -0.52 -32.58 -2.57
N CYS B 295 -1.67 -32.29 -3.17
CA CYS B 295 -2.49 -33.33 -3.80
C CYS B 295 -1.70 -34.03 -4.90
N TYR B 296 -1.06 -33.24 -5.75
CA TYR B 296 -0.30 -33.79 -6.86
C TYR B 296 0.82 -34.70 -6.38
N ILE B 297 1.58 -34.24 -5.39
CA ILE B 297 2.71 -35.03 -4.91
C ILE B 297 2.21 -36.36 -4.36
N LYS B 298 1.18 -36.30 -3.51
CA LYS B 298 0.68 -37.51 -2.86
C LYS B 298 0.07 -38.46 -3.88
N ALA B 299 -0.73 -37.92 -4.79
CA ALA B 299 -1.43 -38.74 -5.78
C ALA B 299 -0.45 -39.38 -6.77
N ARG B 300 0.53 -38.59 -7.23
CA ARG B 300 1.52 -39.13 -8.17
C ARG B 300 2.30 -40.28 -7.52
N ALA B 301 2.67 -40.09 -6.26
CA ALA B 301 3.38 -41.11 -5.51
C ALA B 301 2.46 -42.32 -5.32
N ALA B 302 1.21 -42.07 -4.96
CA ALA B 302 0.26 -43.15 -4.75
C ALA B 302 -0.05 -43.96 -6.01
N CYS B 303 -0.04 -43.30 -7.17
CA CYS B 303 -0.22 -44.01 -8.45
C CYS B 303 0.89 -45.04 -8.65
N ARG B 304 2.10 -44.70 -8.23
CA ARG B 304 3.22 -45.64 -8.34
C ARG B 304 3.07 -46.80 -7.37
N ALA B 305 2.73 -46.49 -6.13
CA ALA B 305 2.45 -47.52 -5.13
C ALA B 305 1.36 -48.48 -5.63
N ALA B 306 0.36 -47.93 -6.30
CA ALA B 306 -0.82 -48.71 -6.72
C ALA B 306 -0.59 -49.50 -8.00
N GLY B 307 0.52 -49.24 -8.67
CA GLY B 307 0.88 -49.95 -9.89
C GLY B 307 -0.03 -49.58 -11.06
N LEU B 308 -0.56 -48.35 -11.04
CA LEU B 308 -1.40 -47.89 -12.14
C LEU B 308 -0.53 -47.62 -13.36
N GLN B 309 -0.97 -48.07 -14.53
CA GLN B 309 -0.18 -47.96 -15.74
C GLN B 309 -0.60 -46.79 -16.62
N ASP B 310 0.39 -46.04 -17.10
CA ASP B 310 0.16 -44.94 -18.05
C ASP B 310 -0.87 -43.95 -17.52
N CYS B 311 -0.62 -43.43 -16.32
CA CYS B 311 -1.56 -42.51 -15.69
C CYS B 311 -1.48 -41.12 -16.28
N THR B 312 -2.65 -40.53 -16.47
CA THR B 312 -2.77 -39.11 -16.75
C THR B 312 -3.59 -38.54 -15.60
N MET B 313 -3.08 -37.52 -14.91
CA MET B 313 -3.80 -36.93 -13.79
C MET B 313 -4.25 -35.51 -14.12
N LEU B 314 -5.37 -35.12 -13.55
CA LEU B 314 -5.81 -33.72 -13.59
C LEU B 314 -6.09 -33.29 -12.16
N VAL B 315 -5.34 -32.30 -11.67
CA VAL B 315 -5.45 -31.88 -10.27
C VAL B 315 -5.86 -30.42 -10.19
N CYS B 316 -6.92 -30.13 -9.44
CA CYS B 316 -7.37 -28.75 -9.20
C CYS B 316 -7.57 -28.60 -7.70
N GLY B 317 -6.60 -28.05 -6.98
CA GLY B 317 -6.70 -28.01 -5.53
C GLY B 317 -6.80 -29.43 -5.00
N ASP B 318 -7.81 -29.70 -4.18
CA ASP B 318 -8.01 -31.06 -3.65
C ASP B 318 -8.74 -32.00 -4.61
N ASP B 319 -9.12 -31.49 -5.78
CA ASP B 319 -9.88 -32.31 -6.72
C ASP B 319 -8.95 -33.08 -7.63
N LEU B 320 -9.15 -34.39 -7.67
CA LEU B 320 -8.22 -35.27 -8.36
C LEU B 320 -8.98 -36.22 -9.26
N VAL B 321 -8.59 -36.26 -10.53
CA VAL B 321 -9.06 -37.28 -11.46
C VAL B 321 -7.87 -37.97 -12.11
N VAL B 322 -7.95 -39.29 -12.23
CA VAL B 322 -6.88 -40.08 -12.88
C VAL B 322 -7.47 -40.93 -13.99
N ILE B 323 -6.81 -40.92 -15.15
CA ILE B 323 -7.19 -41.78 -16.26
C ILE B 323 -6.00 -42.65 -16.59
N CYS B 324 -6.22 -43.96 -16.72
CA CYS B 324 -5.08 -44.86 -16.90
C CYS B 324 -5.42 -46.01 -17.83
N GLU B 325 -4.44 -46.88 -18.05
CA GLU B 325 -4.63 -48.04 -18.92
C GLU B 325 -5.13 -49.19 -18.07
N SER B 326 -6.31 -49.71 -18.40
CA SER B 326 -6.90 -50.78 -17.60
C SER B 326 -6.08 -52.05 -17.61
N ALA B 327 -5.97 -52.67 -16.45
CA ALA B 327 -5.27 -53.95 -16.33
C ALA B 327 -6.25 -55.11 -16.21
N GLY B 328 -7.54 -54.83 -16.42
CA GLY B 328 -8.59 -55.81 -16.22
C GLY B 328 -9.45 -55.38 -15.05
N VAL B 329 -10.68 -55.90 -14.97
CA VAL B 329 -11.63 -55.47 -13.95
C VAL B 329 -11.16 -55.75 -12.51
N GLN B 330 -10.78 -56.98 -12.23
CA GLN B 330 -10.34 -57.31 -10.87
C GLN B 330 -9.03 -56.62 -10.54
N GLU B 331 -8.15 -56.56 -11.53
CA GLU B 331 -6.84 -55.92 -11.36
C GLU B 331 -6.98 -54.45 -11.04
N ASP B 332 -7.86 -53.76 -11.80
CA ASP B 332 -8.15 -52.34 -11.57
C ASP B 332 -8.74 -52.10 -10.18
N ALA B 333 -9.68 -52.95 -9.76
CA ALA B 333 -10.33 -52.76 -8.47
C ALA B 333 -9.27 -52.89 -7.36
N ALA B 334 -8.41 -53.89 -7.49
CA ALA B 334 -7.32 -54.06 -6.53
C ALA B 334 -6.33 -52.88 -6.56
N SER B 335 -6.03 -52.37 -7.75
CA SER B 335 -5.12 -51.23 -7.84
C SER B 335 -5.68 -49.99 -7.15
N LEU B 336 -6.98 -49.78 -7.28
CA LEU B 336 -7.58 -48.59 -6.66
C LEU B 336 -7.59 -48.74 -5.14
N ARG B 337 -7.78 -49.97 -4.65
CA ARG B 337 -7.66 -50.20 -3.21
C ARG B 337 -6.23 -49.87 -2.75
N ALA B 338 -5.22 -50.26 -3.52
CA ALA B 338 -3.83 -49.93 -3.19
C ALA B 338 -3.56 -48.43 -3.25
N PHE B 339 -4.20 -47.75 -4.20
CA PHE B 339 -4.06 -46.29 -4.32
C PHE B 339 -4.59 -45.63 -3.07
N THR B 340 -5.76 -46.08 -2.63
CA THR B 340 -6.37 -45.56 -1.42
C THR B 340 -5.52 -45.80 -0.19
N GLU B 341 -4.97 -47.00 -0.08
CA GLU B 341 -4.09 -47.31 1.04
C GLU B 341 -2.87 -46.40 1.07
N ALA B 342 -2.26 -46.15 -0.10
CA ALA B 342 -1.13 -45.23 -0.21
C ALA B 342 -1.51 -43.80 0.20
N MET B 343 -2.59 -43.30 -0.37
CA MET B 343 -3.06 -41.94 -0.03
C MET B 343 -3.33 -41.82 1.46
N THR B 344 -3.91 -42.87 2.03
CA THR B 344 -4.18 -42.90 3.46
C THR B 344 -2.90 -42.80 4.28
N ARG B 345 -1.88 -43.56 3.91
CA ARG B 345 -0.58 -43.48 4.58
C ARG B 345 -0.02 -42.07 4.49
N TYR B 346 -0.32 -41.37 3.39
CA TYR B 346 0.20 -40.02 3.18
C TYR B 346 -0.60 -38.98 3.95
N SER B 347 -1.68 -39.45 4.61
N SER B 347 -1.60 -39.43 4.70
CA SER B 347 -2.57 -38.66 5.47
CA SER B 347 -2.53 -38.53 5.37
C SER B 347 -3.94 -38.30 4.87
C SER B 347 -3.43 -37.88 4.33
N ALA B 348 -4.18 -38.73 3.63
CA ALA B 348 -5.32 -38.30 2.82
C ALA B 348 -6.33 -39.41 2.53
N PRO B 349 -6.97 -39.97 3.57
CA PRO B 349 -7.96 -41.02 3.32
C PRO B 349 -9.22 -40.45 2.64
N PRO B 350 -9.98 -41.31 1.97
CA PRO B 350 -11.09 -40.84 1.16
C PRO B 350 -12.35 -40.66 1.98
N GLY B 351 -13.30 -39.87 1.49
CA GLY B 351 -14.61 -39.75 2.11
C GLY B 351 -15.42 -40.99 1.80
N ASP B 352 -15.46 -41.35 0.52
CA ASP B 352 -16.03 -42.60 0.07
C ASP B 352 -15.03 -43.22 -0.89
N PRO B 353 -14.84 -44.55 -0.83
CA PRO B 353 -13.82 -45.19 -1.66
C PRO B 353 -14.04 -44.88 -3.13
N PRO B 354 -12.95 -44.63 -3.87
CA PRO B 354 -13.07 -44.39 -5.32
C PRO B 354 -13.52 -45.67 -6.01
N GLN B 355 -14.17 -45.52 -7.15
CA GLN B 355 -14.59 -46.68 -7.92
C GLN B 355 -14.09 -46.51 -9.35
N PRO B 356 -13.63 -47.61 -9.94
CA PRO B 356 -13.17 -47.61 -11.33
C PRO B 356 -14.33 -47.30 -12.26
N GLU B 357 -14.15 -46.39 -13.19
CA GLU B 357 -15.17 -46.09 -14.19
C GLU B 357 -14.65 -46.38 -15.58
N TYR B 358 -15.51 -46.93 -16.43
CA TYR B 358 -15.09 -47.30 -17.79
C TYR B 358 -15.84 -46.50 -18.84
N ASP B 359 -16.56 -45.47 -18.37
CA ASP B 359 -17.35 -44.60 -19.23
C ASP B 359 -16.96 -43.18 -18.84
N LEU B 360 -16.33 -42.46 -19.77
CA LEU B 360 -15.82 -41.13 -19.44
C LEU B 360 -16.90 -40.18 -18.91
N GLU B 361 -18.12 -40.29 -19.44
CA GLU B 361 -19.18 -39.37 -19.04
C GLU B 361 -19.61 -39.55 -17.59
N LEU B 362 -19.25 -40.68 -17.00
CA LEU B 362 -19.64 -40.95 -15.62
C LEU B 362 -18.60 -40.48 -14.58
N ILE B 363 -17.47 -39.96 -15.05
CA ILE B 363 -16.46 -39.45 -14.15
C ILE B 363 -16.77 -37.99 -13.86
N THR B 364 -16.98 -37.70 -12.58
CA THR B 364 -17.27 -36.34 -12.15
C THR B 364 -16.04 -35.78 -11.44
N SER B 365 -15.55 -34.65 -11.95
CA SER B 365 -14.42 -33.96 -11.35
C SER B 365 -14.67 -32.44 -11.32
N CYS B 366 -14.39 -31.82 -10.19
CA CYS B 366 -14.81 -30.44 -9.96
C CYS B 366 -16.31 -30.33 -10.18
N SER B 367 -17.01 -31.38 -9.75
CA SER B 367 -18.48 -31.45 -9.82
C SER B 367 -19.01 -31.39 -11.24
N SER B 368 -18.14 -31.59 -12.23
CA SER B 368 -18.57 -31.52 -13.62
C SER B 368 -18.22 -32.79 -14.37
N ASN B 369 -18.89 -33.01 -15.49
CA ASN B 369 -18.61 -34.17 -16.32
C ASN B 369 -18.64 -33.80 -17.79
N VAL B 370 -18.02 -34.64 -18.61
CA VAL B 370 -18.06 -34.50 -20.06
C VAL B 370 -19.39 -35.03 -20.59
N SER B 371 -19.99 -34.30 -21.51
CA SER B 371 -21.15 -34.81 -22.23
C SER B 371 -21.04 -34.45 -23.70
N VAL B 372 -22.00 -34.92 -24.49
CA VAL B 372 -21.93 -34.77 -25.95
C VAL B 372 -23.19 -34.14 -26.51
N ALA B 373 -23.01 -33.23 -27.47
CA ALA B 373 -24.12 -32.69 -28.23
C ALA B 373 -23.72 -32.55 -29.70
N HIS B 374 -24.53 -31.89 -30.50
CA HIS B 374 -24.20 -31.67 -31.90
C HIS B 374 -24.30 -30.21 -32.28
N ASP B 375 -23.43 -29.76 -33.17
CA ASP B 375 -23.47 -28.38 -33.65
C ASP B 375 -24.46 -28.22 -34.79
N GLY B 376 -24.47 -27.05 -35.41
CA GLY B 376 -25.38 -26.77 -36.52
C GLY B 376 -25.23 -27.74 -37.67
N ALA B 377 -24.01 -28.20 -37.91
CA ALA B 377 -23.74 -29.10 -39.05
C ALA B 377 -23.97 -30.57 -38.72
N GLY B 378 -24.27 -30.87 -37.46
CA GLY B 378 -24.55 -32.23 -37.05
C GLY B 378 -23.34 -32.93 -36.46
N LYS B 379 -22.23 -32.21 -36.36
CA LYS B 379 -20.99 -32.77 -35.83
C LYS B 379 -21.04 -32.90 -34.32
N ARG B 380 -20.47 -33.99 -33.80
CA ARG B 380 -20.40 -34.22 -32.36
C ARG B 380 -19.49 -33.21 -31.68
N VAL B 381 -19.98 -32.66 -30.57
CA VAL B 381 -19.24 -31.66 -29.81
C VAL B 381 -19.22 -32.08 -28.34
N TYR B 382 -18.03 -32.22 -27.77
CA TYR B 382 -17.90 -32.50 -26.35
C TYR B 382 -17.92 -31.19 -25.61
N TYR B 383 -18.58 -31.16 -24.46
CA TYR B 383 -18.65 -29.94 -23.66
C TYR B 383 -18.76 -30.34 -22.19
N LEU B 384 -18.46 -29.39 -21.30
CA LEU B 384 -18.52 -29.64 -19.86
C LEU B 384 -19.89 -29.27 -19.32
N THR B 385 -20.46 -30.13 -18.48
CA THR B 385 -21.73 -29.87 -17.84
C THR B 385 -21.67 -30.31 -16.39
N ARG B 386 -22.78 -30.18 -15.68
CA ARG B 386 -22.88 -30.57 -14.28
C ARG B 386 -24.35 -30.64 -13.90
N ASP B 387 -24.66 -31.24 -12.76
CA ASP B 387 -26.02 -31.21 -12.24
C ASP B 387 -26.40 -29.76 -11.95
N PRO B 388 -27.60 -29.33 -12.40
CA PRO B 388 -27.91 -27.89 -12.26
C PRO B 388 -28.50 -27.47 -10.91
N THR B 389 -28.65 -28.40 -9.99
CA THR B 389 -29.34 -28.12 -8.73
C THR B 389 -28.73 -26.95 -7.96
N THR B 390 -27.44 -27.03 -7.68
CA THR B 390 -26.81 -25.98 -6.89
C THR B 390 -26.76 -24.65 -7.66
N PRO B 391 -26.39 -24.67 -8.95
CA PRO B 391 -26.50 -23.42 -9.70
C PRO B 391 -27.89 -22.78 -9.66
N LEU B 392 -28.96 -23.57 -9.78
CA LEU B 392 -30.31 -22.99 -9.78
C LEU B 392 -30.70 -22.48 -8.40
N ALA B 393 -30.33 -23.22 -7.36
CA ALA B 393 -30.66 -22.79 -5.99
C ALA B 393 -29.98 -21.45 -5.70
N ARG B 394 -28.70 -21.36 -6.06
CA ARG B 394 -27.97 -20.11 -5.84
C ARG B 394 -28.51 -18.98 -6.70
N ALA B 395 -28.92 -19.29 -7.92
CA ALA B 395 -29.45 -18.27 -8.81
C ALA B 395 -30.74 -17.68 -8.23
N ALA B 396 -31.56 -18.51 -7.60
CA ALA B 396 -32.80 -18.05 -6.98
C ALA B 396 -32.48 -17.11 -5.83
N TRP B 397 -31.49 -17.48 -5.03
CA TRP B 397 -31.12 -16.65 -3.88
C TRP B 397 -30.60 -15.30 -4.34
N GLU B 398 -29.72 -15.33 -5.33
CA GLU B 398 -29.11 -14.12 -5.87
C GLU B 398 -30.11 -13.21 -6.57
N THR B 399 -31.23 -13.78 -6.99
CA THR B 399 -32.34 -12.97 -7.55
C THR B 399 -33.08 -12.25 -6.41
N ALA B 400 -33.24 -12.94 -5.28
CA ALA B 400 -34.00 -12.39 -4.16
C ALA B 400 -33.21 -11.36 -3.36
N ARG B 401 -31.89 -11.53 -3.32
CA ARG B 401 -31.06 -10.68 -2.47
C ARG B 401 -29.82 -10.24 -3.21
N HIS B 402 -29.45 -8.98 -3.00
CA HIS B 402 -28.25 -8.41 -3.60
C HIS B 402 -27.03 -9.01 -2.90
N THR B 403 -26.20 -9.72 -3.65
CA THR B 403 -25.02 -10.37 -3.09
C THR B 403 -23.76 -9.78 -3.74
N PRO B 404 -22.65 -9.72 -2.98
CA PRO B 404 -21.43 -9.11 -3.54
C PRO B 404 -20.85 -9.88 -4.73
N VAL B 405 -20.92 -11.21 -4.70
CA VAL B 405 -20.46 -12.01 -5.82
C VAL B 405 -21.61 -12.84 -6.37
N ASN B 406 -21.75 -12.86 -7.69
CA ASN B 406 -22.89 -13.54 -8.31
C ASN B 406 -22.51 -14.86 -8.97
N SER B 407 -22.81 -15.98 -8.30
CA SER B 407 -22.46 -17.26 -8.87
C SER B 407 -23.14 -17.49 -10.24
N TRP B 408 -24.30 -16.89 -10.44
CA TRP B 408 -25.03 -17.16 -11.69
C TRP B 408 -24.26 -16.73 -12.95
N LEU B 409 -23.57 -15.59 -12.86
CA LEU B 409 -22.85 -15.07 -14.02
C LEU B 409 -21.64 -15.95 -14.33
N GLY B 410 -20.96 -16.42 -13.29
CA GLY B 410 -19.86 -17.35 -13.47
C GLY B 410 -20.37 -18.66 -14.04
N ASN B 411 -21.51 -19.13 -13.56
CA ASN B 411 -22.08 -20.37 -14.10
C ASN B 411 -22.49 -20.26 -15.57
N ILE B 412 -23.05 -19.11 -15.96
CA ILE B 412 -23.38 -18.89 -17.37
C ILE B 412 -22.11 -18.91 -18.23
N ILE B 413 -21.05 -18.28 -17.75
CA ILE B 413 -19.78 -18.24 -18.50
C ILE B 413 -19.14 -19.62 -18.61
N MET B 414 -19.05 -20.33 -17.50
CA MET B 414 -18.40 -21.65 -17.47
C MET B 414 -19.23 -22.73 -18.17
N PHE B 415 -20.55 -22.61 -18.11
CA PHE B 415 -21.42 -23.68 -18.61
C PHE B 415 -22.32 -23.19 -19.76
N ALA B 416 -21.88 -22.16 -20.47
CA ALA B 416 -22.65 -21.58 -21.55
C ALA B 416 -23.20 -22.58 -22.59
N PRO B 417 -22.41 -23.62 -22.93
CA PRO B 417 -22.93 -24.60 -23.90
C PRO B 417 -24.06 -25.50 -23.40
N THR B 418 -24.27 -25.60 -22.09
CA THR B 418 -25.25 -26.55 -21.55
C THR B 418 -26.71 -26.16 -21.80
N LEU B 419 -27.55 -27.18 -21.88
CA LEU B 419 -29.00 -27.01 -22.04
C LEU B 419 -29.58 -26.11 -20.95
N TRP B 420 -29.19 -26.36 -19.70
CA TRP B 420 -29.77 -25.64 -18.57
C TRP B 420 -29.30 -24.19 -18.44
N ALA B 421 -28.03 -23.94 -18.71
CA ALA B 421 -27.53 -22.54 -18.66
C ALA B 421 -28.18 -21.69 -19.75
N ARG B 422 -28.36 -22.27 -20.93
CA ARG B 422 -28.91 -21.51 -22.06
C ARG B 422 -30.42 -21.29 -21.92
N MET B 423 -31.14 -22.35 -21.62
CA MET B 423 -32.61 -22.23 -21.59
C MET B 423 -33.17 -21.63 -20.30
N ILE B 424 -32.50 -21.88 -19.19
CA ILE B 424 -32.97 -21.41 -17.89
C ILE B 424 -32.19 -20.19 -17.39
N LEU B 425 -30.90 -20.35 -17.14
CA LEU B 425 -30.12 -19.24 -16.56
C LEU B 425 -30.06 -17.98 -17.43
N MET B 426 -29.78 -18.12 -18.72
CA MET B 426 -29.75 -16.95 -19.59
C MET B 426 -31.12 -16.26 -19.67
N THR B 427 -32.15 -17.05 -19.89
CA THR B 427 -33.51 -16.52 -19.99
C THR B 427 -33.90 -15.79 -18.72
N HIS B 428 -33.66 -16.45 -17.58
CA HIS B 428 -34.05 -15.87 -16.31
C HIS B 428 -33.30 -14.57 -16.06
N PHE B 429 -31.98 -14.61 -16.15
CA PHE B 429 -31.23 -13.40 -15.77
C PHE B 429 -31.36 -12.24 -16.73
N PHE B 430 -31.46 -12.49 -18.04
CA PHE B 430 -31.76 -11.36 -18.90
C PHE B 430 -33.16 -10.80 -18.60
N SER B 431 -34.10 -11.68 -18.24
CA SER B 431 -35.43 -11.19 -17.86
C SER B 431 -35.34 -10.32 -16.60
N VAL B 432 -34.51 -10.74 -15.65
CA VAL B 432 -34.36 -9.99 -14.40
C VAL B 432 -33.67 -8.65 -14.64
N LEU B 433 -32.60 -8.66 -15.44
CA LEU B 433 -31.86 -7.44 -15.72
C LEU B 433 -32.73 -6.42 -16.46
N ILE B 434 -33.53 -6.90 -17.41
CA ILE B 434 -34.47 -6.04 -18.12
C ILE B 434 -35.49 -5.45 -17.15
N ALA B 435 -36.06 -6.31 -16.31
CA ALA B 435 -37.08 -5.86 -15.36
C ALA B 435 -36.56 -4.76 -14.44
N ARG B 436 -35.29 -4.89 -14.06
CA ARG B 436 -34.72 -4.01 -13.05
C ARG B 436 -33.87 -2.89 -13.66
N ASP B 437 -33.91 -2.77 -14.98
CA ASP B 437 -33.13 -1.73 -15.67
C ASP B 437 -31.64 -1.81 -15.33
N GLN B 438 -31.11 -3.04 -15.31
CA GLN B 438 -29.72 -3.28 -14.89
C GLN B 438 -28.85 -3.88 -15.99
N LEU B 439 -29.32 -3.85 -17.24
CA LEU B 439 -28.59 -4.48 -18.33
C LEU B 439 -27.19 -3.93 -18.52
N GLU B 440 -26.99 -2.65 -18.22
CA GLU B 440 -25.72 -2.00 -18.50
C GLU B 440 -24.75 -2.00 -17.32
N GLN B 441 -25.14 -2.62 -16.21
CA GLN B 441 -24.34 -2.57 -14.98
C GLN B 441 -23.44 -3.79 -14.81
N ALA B 442 -22.16 -3.53 -14.57
CA ALA B 442 -21.19 -4.59 -14.38
C ALA B 442 -21.44 -5.32 -13.07
N LEU B 443 -21.14 -6.62 -13.06
CA LEU B 443 -21.35 -7.46 -11.87
C LEU B 443 -20.09 -8.24 -11.52
N ASN B 444 -19.90 -8.50 -10.23
CA ASN B 444 -18.79 -9.34 -9.79
C ASN B 444 -19.16 -10.81 -9.84
N CYS B 445 -18.24 -11.62 -10.37
CA CYS B 445 -18.39 -13.07 -10.34
C CYS B 445 -17.02 -13.69 -10.18
N GLU B 446 -16.99 -14.96 -9.81
CA GLU B 446 -15.72 -15.63 -9.57
C GLU B 446 -15.44 -16.67 -10.64
N ILE B 447 -14.18 -16.72 -11.05
CA ILE B 447 -13.71 -17.75 -11.96
C ILE B 447 -12.48 -18.36 -11.33
N TYR B 448 -12.54 -19.65 -11.02
CA TYR B 448 -11.45 -20.34 -10.33
C TYR B 448 -11.03 -19.57 -9.07
N GLY B 449 -12.02 -19.06 -8.34
CA GLY B 449 -11.78 -18.40 -7.07
C GLY B 449 -11.42 -16.92 -7.13
N ALA B 450 -11.04 -16.42 -8.31
CA ALA B 450 -10.71 -15.00 -8.47
C ALA B 450 -11.94 -14.18 -8.88
N CYS B 451 -12.05 -12.98 -8.33
CA CYS B 451 -13.19 -12.11 -8.60
C CYS B 451 -12.94 -11.25 -9.81
N TYR B 452 -13.92 -11.21 -10.72
CA TYR B 452 -13.87 -10.39 -11.91
C TYR B 452 -15.11 -9.53 -11.99
N SER B 453 -14.94 -8.33 -12.52
CA SER B 453 -16.08 -7.46 -12.78
C SER B 453 -16.43 -7.64 -14.25
N ILE B 454 -17.65 -8.09 -14.51
CA ILE B 454 -18.05 -8.44 -15.87
C ILE B 454 -19.36 -7.76 -16.25
N GLU B 455 -19.43 -7.23 -17.47
CA GLU B 455 -20.68 -6.65 -17.98
C GLU B 455 -21.52 -7.73 -18.64
N PRO B 456 -22.77 -7.90 -18.19
CA PRO B 456 -23.60 -8.93 -18.81
C PRO B 456 -23.74 -8.76 -20.33
N LEU B 457 -23.68 -7.54 -20.82
CA LEU B 457 -23.81 -7.33 -22.27
C LEU B 457 -22.61 -7.84 -23.07
N ASP B 458 -21.54 -8.21 -22.37
CA ASP B 458 -20.37 -8.78 -23.04
C ASP B 458 -20.41 -10.30 -23.08
N LEU B 459 -21.53 -10.89 -22.67
CA LEU B 459 -21.61 -12.36 -22.65
C LEU B 459 -21.42 -13.04 -24.01
N PRO B 460 -22.02 -12.49 -25.09
CA PRO B 460 -21.86 -13.17 -26.39
C PRO B 460 -20.41 -13.30 -26.86
N PRO B 461 -19.65 -12.19 -26.90
CA PRO B 461 -18.25 -12.36 -27.31
C PRO B 461 -17.42 -13.15 -26.31
N ILE B 462 -17.77 -13.10 -25.03
CA ILE B 462 -17.06 -13.90 -24.05
C ILE B 462 -17.29 -15.39 -24.32
N ILE B 463 -18.54 -15.76 -24.56
CA ILE B 463 -18.86 -17.15 -24.84
C ILE B 463 -18.22 -17.58 -26.16
N GLN B 464 -18.26 -16.72 -27.17
CA GLN B 464 -17.57 -17.01 -28.42
C GLN B 464 -16.09 -17.30 -28.19
N ARG B 465 -15.43 -16.45 -27.41
CA ARG B 465 -13.99 -16.61 -27.18
C ARG B 465 -13.67 -17.88 -26.40
N LEU B 466 -14.51 -18.19 -25.41
CA LEU B 466 -14.25 -19.31 -24.52
C LEU B 466 -14.69 -20.66 -25.08
N HIS B 467 -15.86 -20.69 -25.71
CA HIS B 467 -16.46 -21.95 -26.14
C HIS B 467 -16.58 -22.06 -27.65
N GLY B 468 -16.42 -20.95 -28.35
CA GLY B 468 -16.56 -20.96 -29.79
C GLY B 468 -17.99 -20.75 -30.26
N LEU B 469 -18.14 -20.43 -31.54
CA LEU B 469 -19.43 -20.13 -32.13
C LEU B 469 -20.47 -21.24 -31.91
N SER B 470 -20.00 -22.47 -31.73
CA SER B 470 -20.90 -23.62 -31.61
C SER B 470 -21.75 -23.57 -30.35
N ALA B 471 -21.30 -22.83 -29.36
CA ALA B 471 -22.03 -22.71 -28.10
C ALA B 471 -23.43 -22.13 -28.31
N PHE B 472 -23.63 -21.43 -29.41
CA PHE B 472 -24.92 -20.81 -29.70
C PHE B 472 -25.81 -21.68 -30.59
N SER B 473 -25.32 -22.85 -30.97
CA SER B 473 -26.07 -23.71 -31.89
C SER B 473 -26.17 -25.19 -31.47
N LEU B 474 -25.72 -25.51 -30.26
CA LEU B 474 -25.77 -26.90 -29.81
C LEU B 474 -27.19 -27.43 -29.72
N HIS B 475 -27.37 -28.69 -30.14
CA HIS B 475 -28.66 -29.35 -30.05
C HIS B 475 -28.45 -30.86 -29.93
N SER B 476 -29.54 -31.61 -29.88
CA SER B 476 -29.48 -33.06 -29.70
C SER B 476 -28.61 -33.43 -28.50
N TYR B 477 -28.94 -32.89 -27.34
CA TYR B 477 -28.23 -33.27 -26.12
C TYR B 477 -28.52 -34.74 -25.78
N SER B 478 -27.70 -35.32 -24.91
CA SER B 478 -27.83 -36.75 -24.59
C SER B 478 -29.03 -37.01 -23.69
N PRO B 479 -29.60 -38.22 -23.76
CA PRO B 479 -30.76 -38.57 -22.93
C PRO B 479 -30.45 -38.45 -21.45
N GLY B 480 -29.24 -38.83 -21.06
CA GLY B 480 -28.82 -38.75 -19.67
C GLY B 480 -28.85 -37.32 -19.18
N GLU B 481 -28.40 -36.41 -20.03
CA GLU B 481 -28.33 -35.00 -19.66
C GLU B 481 -29.72 -34.38 -19.60
N ILE B 482 -30.53 -34.66 -20.61
CA ILE B 482 -31.91 -34.16 -20.61
C ILE B 482 -32.64 -34.68 -19.37
N ASN B 483 -32.47 -35.96 -19.07
CA ASN B 483 -33.11 -36.54 -17.89
C ASN B 483 -32.68 -35.91 -16.57
N ARG B 484 -31.38 -35.63 -16.44
CA ARG B 484 -30.88 -35.04 -15.23
C ARG B 484 -31.47 -33.64 -15.06
N VAL B 485 -31.54 -32.90 -16.16
CA VAL B 485 -32.09 -31.54 -16.10
C VAL B 485 -33.56 -31.62 -15.72
N ALA B 486 -34.29 -32.47 -16.41
CA ALA B 486 -35.73 -32.61 -16.17
C ALA B 486 -36.03 -32.96 -14.71
N ALA B 487 -35.23 -33.86 -14.15
CA ALA B 487 -35.42 -34.32 -12.77
C ALA B 487 -35.20 -33.18 -11.80
N CYS B 488 -34.19 -32.37 -12.08
CA CYS B 488 -33.88 -31.21 -11.28
C CYS B 488 -35.04 -30.22 -11.31
N LEU B 489 -35.62 -30.01 -12.49
CA LEU B 489 -36.72 -29.04 -12.59
C LEU B 489 -37.90 -29.48 -11.76
N ARG B 490 -38.22 -30.76 -11.81
CA ARG B 490 -39.32 -31.29 -11.01
C ARG B 490 -39.04 -31.15 -9.53
N LYS B 491 -37.80 -31.42 -9.13
CA LYS B 491 -37.44 -31.39 -7.72
C LYS B 491 -37.60 -29.98 -7.15
N LEU B 492 -37.13 -28.99 -7.91
CA LEU B 492 -37.04 -27.63 -7.39
C LEU B 492 -38.28 -26.79 -7.69
N GLY B 493 -39.19 -27.32 -8.48
CA GLY B 493 -40.36 -26.54 -8.89
C GLY B 493 -39.98 -25.43 -9.85
N VAL B 494 -39.17 -25.78 -10.84
CA VAL B 494 -38.78 -24.87 -11.91
C VAL B 494 -39.69 -25.13 -13.11
N PRO B 495 -40.12 -24.06 -13.78
CA PRO B 495 -41.01 -24.28 -14.93
C PRO B 495 -40.35 -25.13 -16.00
N PRO B 496 -41.15 -25.87 -16.76
CA PRO B 496 -40.60 -26.77 -17.79
C PRO B 496 -39.90 -26.02 -18.91
N LEU B 497 -39.03 -26.73 -19.64
CA LEU B 497 -38.26 -26.09 -20.68
C LEU B 497 -39.07 -25.38 -21.76
N ARG B 498 -40.23 -25.93 -22.12
CA ARG B 498 -41.07 -25.30 -23.13
C ARG B 498 -41.57 -23.94 -22.67
N ALA B 499 -41.81 -23.81 -21.37
CA ALA B 499 -42.20 -22.53 -20.81
C ALA B 499 -41.03 -21.53 -20.92
N TRP B 500 -39.81 -22.00 -20.62
CA TRP B 500 -38.64 -21.14 -20.75
C TRP B 500 -38.42 -20.69 -22.18
N ARG B 501 -38.74 -21.56 -23.13
CA ARG B 501 -38.66 -21.19 -24.55
C ARG B 501 -39.61 -20.04 -24.88
N HIS B 502 -40.84 -20.08 -24.36
CA HIS B 502 -41.78 -18.98 -24.59
C HIS B 502 -41.27 -17.68 -23.95
N ARG B 503 -40.79 -17.79 -22.72
CA ARG B 503 -40.24 -16.60 -22.05
C ARG B 503 -39.02 -16.07 -22.80
N ALA B 504 -38.16 -16.96 -23.27
CA ALA B 504 -36.96 -16.54 -24.01
C ALA B 504 -37.32 -15.78 -25.28
N ARG B 505 -38.39 -16.17 -25.95
CA ARG B 505 -38.79 -15.45 -27.15
C ARG B 505 -39.12 -14.01 -26.79
N SER B 506 -39.82 -13.81 -25.67
CA SER B 506 -40.15 -12.46 -25.23
C SER B 506 -38.89 -11.67 -24.88
N VAL B 507 -38.01 -12.27 -24.09
CA VAL B 507 -36.74 -11.65 -23.74
C VAL B 507 -35.95 -11.26 -24.99
N ARG B 508 -35.88 -12.18 -25.94
CA ARG B 508 -35.12 -11.96 -27.17
C ARG B 508 -35.63 -10.74 -27.92
N ALA B 509 -36.95 -10.66 -28.08
CA ALA B 509 -37.56 -9.55 -28.81
C ALA B 509 -37.21 -8.22 -28.15
N ARG B 510 -37.27 -8.18 -26.82
CA ARG B 510 -36.96 -6.97 -26.08
C ARG B 510 -35.48 -6.57 -26.20
N LEU B 511 -34.60 -7.56 -26.21
CA LEU B 511 -33.17 -7.29 -26.41
C LEU B 511 -32.90 -6.78 -27.82
N LEU B 512 -33.55 -7.41 -28.80
CA LEU B 512 -33.40 -6.99 -30.18
C LEU B 512 -33.84 -5.53 -30.34
N SER B 513 -34.94 -5.18 -29.70
CA SER B 513 -35.51 -3.84 -29.84
C SER B 513 -34.55 -2.75 -29.37
N ARG B 514 -33.51 -3.15 -28.64
CA ARG B 514 -32.56 -2.20 -28.06
C ARG B 514 -31.36 -1.89 -28.94
N GLY B 515 -31.16 -2.71 -29.98
CA GLY B 515 -29.99 -2.58 -30.81
C GLY B 515 -28.68 -2.76 -30.04
N GLY B 516 -27.57 -2.49 -30.71
CA GLY B 516 -26.26 -2.51 -30.06
C GLY B 516 -25.90 -3.86 -29.46
N ARG B 517 -25.20 -3.83 -28.33
CA ARG B 517 -24.77 -5.04 -27.65
C ARG B 517 -25.97 -5.87 -27.17
N ALA B 518 -27.05 -5.21 -26.76
CA ALA B 518 -28.23 -5.93 -26.32
C ALA B 518 -28.84 -6.77 -27.45
N ALA B 519 -28.82 -6.23 -28.67
CA ALA B 519 -29.35 -6.95 -29.82
C ALA B 519 -28.46 -8.15 -30.15
N ILE B 520 -27.18 -8.03 -29.88
CA ILE B 520 -26.28 -9.16 -30.08
C ILE B 520 -26.62 -10.25 -29.07
N CYS B 521 -26.91 -9.86 -27.83
CA CYS B 521 -27.37 -10.83 -26.83
C CYS B 521 -28.63 -11.55 -27.28
N GLY B 522 -29.60 -10.81 -27.79
CA GLY B 522 -30.84 -11.42 -28.22
C GLY B 522 -30.59 -12.37 -29.38
N LYS B 523 -29.84 -11.89 -30.37
CA LYS B 523 -29.54 -12.67 -31.56
C LYS B 523 -28.77 -13.96 -31.28
N TYR B 524 -27.69 -13.86 -30.50
CA TYR B 524 -26.82 -15.01 -30.32
C TYR B 524 -27.23 -15.93 -29.18
N LEU B 525 -27.56 -15.34 -28.02
CA LEU B 525 -27.85 -16.12 -26.82
C LEU B 525 -29.16 -16.88 -26.94
N PHE B 526 -30.07 -16.37 -27.75
CA PHE B 526 -31.41 -16.92 -27.81
C PHE B 526 -31.85 -17.41 -29.19
N ASN B 527 -30.88 -17.68 -30.06
CA ASN B 527 -31.20 -18.22 -31.38
C ASN B 527 -31.90 -19.57 -31.24
N TRP B 528 -31.64 -20.26 -30.14
CA TRP B 528 -32.24 -21.57 -29.90
C TRP B 528 -33.76 -21.50 -29.75
N ALA B 529 -34.27 -20.32 -29.39
CA ALA B 529 -35.66 -20.17 -28.97
C ALA B 529 -36.64 -19.88 -30.10
N VAL B 530 -36.11 -19.58 -31.29
CA VAL B 530 -36.97 -19.24 -32.42
C VAL B 530 -36.99 -20.34 -33.46
N ARG B 531 -38.09 -20.41 -34.21
CA ARG B 531 -38.26 -21.41 -35.25
C ARG B 531 -37.40 -21.08 -36.47
N THR B 532 -37.40 -19.80 -36.84
CA THR B 532 -36.59 -19.33 -37.96
C THR B 532 -35.23 -18.83 -37.44
N LYS B 533 -34.26 -19.74 -37.41
CA LYS B 533 -32.94 -19.42 -36.88
C LYS B 533 -32.23 -18.37 -37.73
N LEU B 534 -31.49 -17.48 -37.07
CA LEU B 534 -30.66 -16.52 -37.76
C LEU B 534 -29.28 -17.11 -37.98
N LYS B 535 -28.61 -16.68 -39.05
CA LYS B 535 -27.25 -17.10 -39.29
C LYS B 535 -26.30 -16.37 -38.34
N LEU B 536 -25.53 -17.13 -37.58
CA LEU B 536 -24.65 -16.54 -36.59
C LEU B 536 -23.20 -16.53 -37.06
N THR B 537 -22.68 -15.33 -37.30
CA THR B 537 -21.32 -15.14 -37.78
C THR B 537 -20.44 -14.72 -36.60
N PRO B 538 -19.12 -14.81 -36.76
CA PRO B 538 -18.22 -14.43 -35.65
C PRO B 538 -18.48 -13.00 -35.20
N ILE B 539 -18.47 -12.78 -33.90
CA ILE B 539 -18.69 -11.46 -33.33
C ILE B 539 -17.40 -10.65 -33.37
N ALA B 540 -17.45 -9.48 -34.00
CA ALA B 540 -16.26 -8.63 -34.12
C ALA B 540 -15.62 -8.35 -32.76
N ALA B 541 -16.45 -7.96 -31.79
CA ALA B 541 -15.96 -7.58 -30.47
C ALA B 541 -15.17 -8.69 -29.77
N ALA B 542 -15.44 -9.93 -30.14
CA ALA B 542 -14.81 -11.07 -29.49
C ALA B 542 -13.28 -11.00 -29.62
N GLY B 543 -12.81 -10.70 -30.83
CA GLY B 543 -11.38 -10.69 -31.10
C GLY B 543 -10.66 -9.46 -30.57
N ARG B 544 -11.21 -8.87 -29.52
CA ARG B 544 -10.60 -7.69 -28.90
C ARG B 544 -10.77 -7.72 -27.39
N LEU B 545 -11.52 -8.70 -26.90
CA LEU B 545 -11.69 -8.89 -25.47
C LEU B 545 -10.36 -9.26 -24.81
N ASP B 546 -10.04 -8.58 -23.72
CA ASP B 546 -8.86 -8.92 -22.94
C ASP B 546 -9.18 -9.99 -21.91
N LEU B 547 -8.98 -11.25 -22.28
CA LEU B 547 -9.27 -12.36 -21.39
C LEU B 547 -7.99 -12.92 -20.77
N SER B 548 -6.93 -12.13 -20.88
CA SER B 548 -5.66 -12.49 -20.27
C SER B 548 -5.85 -12.86 -18.82
N GLY B 549 -5.44 -14.07 -18.46
CA GLY B 549 -5.41 -14.49 -17.07
C GLY B 549 -6.69 -15.14 -16.54
N TRP B 550 -7.73 -15.23 -17.36
CA TRP B 550 -8.98 -15.81 -16.87
C TRP B 550 -8.83 -17.25 -16.37
N PHE B 551 -8.31 -18.11 -17.22
CA PHE B 551 -8.16 -19.51 -16.86
C PHE B 551 -6.70 -19.89 -16.83
N THR B 552 -5.97 -19.32 -15.88
CA THR B 552 -4.54 -19.56 -15.77
C THR B 552 -4.18 -20.22 -14.44
N ALA B 553 -4.75 -19.73 -13.35
CA ALA B 553 -4.43 -20.27 -12.03
C ALA B 553 -5.64 -20.28 -11.11
N GLY B 554 -5.56 -21.08 -10.06
CA GLY B 554 -6.60 -21.13 -9.05
C GLY B 554 -6.29 -20.23 -7.87
N TYR B 555 -7.31 -19.55 -7.34
CA TYR B 555 -7.12 -18.60 -6.23
C TYR B 555 -8.17 -18.73 -5.14
N SER B 556 -8.89 -19.85 -5.09
CA SER B 556 -9.94 -20.00 -4.08
C SER B 556 -9.40 -19.78 -2.68
N GLY B 557 -10.09 -18.92 -1.94
CA GLY B 557 -9.69 -18.54 -0.61
C GLY B 557 -8.66 -17.42 -0.58
N GLY B 558 -8.13 -17.05 -1.75
CA GLY B 558 -6.98 -16.17 -1.84
C GLY B 558 -7.23 -14.67 -1.89
N ASP B 559 -8.49 -14.25 -1.84
CA ASP B 559 -8.80 -12.81 -1.75
C ASP B 559 -8.26 -12.06 -2.97
N ILE B 560 -8.51 -12.59 -4.17
CA ILE B 560 -7.97 -11.99 -5.40
C ILE B 560 -9.06 -11.38 -6.28
N TYR B 561 -8.80 -10.16 -6.76
CA TYR B 561 -9.73 -9.41 -7.60
C TYR B 561 -8.96 -8.90 -8.82
N HIS B 562 -9.42 -9.24 -10.02
CA HIS B 562 -8.70 -8.88 -11.24
C HIS B 562 -9.40 -7.80 -12.05
PG GTP C . 21.38 24.23 3.37
O1G GTP C . 21.75 24.41 1.91
O2G GTP C . 20.19 23.31 3.47
O3G GTP C . 22.54 23.67 4.13
O3B GTP C . 21.02 25.68 3.98
PB GTP C . 19.64 26.43 3.68
O1B GTP C . 19.46 26.53 2.18
O2B GTP C . 19.68 27.79 4.34
O3A GTP C . 18.48 25.47 4.26
PA GTP C . 17.90 25.50 5.77
O1A GTP C . 19.01 25.55 6.79
O2A GTP C . 17.03 24.27 5.99
O5' GTP C . 17.00 26.83 5.78
C5' GTP C . 17.36 27.99 6.50
C4' GTP C . 16.16 28.42 7.33
O4' GTP C . 15.06 28.69 6.48
C3' GTP C . 15.71 27.33 8.29
O3' GTP C . 15.55 27.92 9.55
C2' GTP C . 14.34 26.90 7.79
O2' GTP C . 13.45 26.64 8.85
C1' GTP C . 13.89 28.13 7.03
N9 GTP C . 12.88 27.78 6.02
C8 GTP C . 12.78 26.63 5.28
N7 GTP C . 11.69 26.75 4.49
C5 GTP C . 11.10 27.96 4.73
C6 GTP C . 9.98 28.60 4.22
O6 GTP C . 9.28 28.05 3.36
N1 GTP C . 9.63 29.85 4.68
C2 GTP C . 10.40 30.47 5.65
N2 GTP C . 10.09 31.67 6.10
N3 GTP C . 11.51 29.83 6.14
C4 GTP C . 11.85 28.60 5.70
PG GTP D . 19.57 29.26 -4.95
O1G GTP D . 18.75 29.70 -6.14
O2G GTP D . 20.07 27.85 -5.18
O3G GTP D . 20.75 30.17 -4.77
O3B GTP D . 18.64 29.31 -3.64
PB GTP D . 17.04 29.16 -3.72
O1B GTP D . 16.50 30.21 -4.65
O2B GTP D . 16.42 29.28 -2.35
O3A GTP D . 16.76 27.71 -4.36
PA GTP D . 17.26 26.37 -3.64
O1A GTP D . 18.77 26.28 -3.68
O2A GTP D . 16.63 25.16 -4.30
O5' GTP D . 16.78 26.50 -2.11
C5' GTP D . 15.47 26.16 -1.72
C4' GTP D . 15.51 25.77 -0.25
O4' GTP D . 15.75 26.89 0.59
C3' GTP D . 14.22 25.15 0.27
O3' GTP D . 14.20 23.76 0.02
C2' GTP D . 14.29 25.45 1.75
O2' GTP D . 14.91 24.36 2.40
C1' GTP D . 15.19 26.66 1.87
N9 GTP D . 14.46 27.89 2.22
C8 GTP D . 14.85 28.84 3.13
N7 GTP D . 13.91 29.82 3.15
C5 GTP D . 12.95 29.51 2.26
C6 GTP D . 11.78 30.15 1.87
O6 GTP D . 11.48 31.22 2.40
N1 GTP D . 10.96 29.59 0.91
C2 GTP D . 11.30 28.38 0.33
N2 GTP D . 10.50 27.84 -0.59
N3 GTP D . 12.47 27.74 0.72
C4 GTP D . 13.28 28.30 1.65
PG GTP E . -14.30 8.02 -9.20
O1G GTP E . -14.69 6.77 -9.96
O2G GTP E . -12.93 7.84 -8.60
O3G GTP E . -14.27 9.19 -10.15
O3B GTP E . -15.40 8.28 -8.06
PB GTP E . -15.22 7.63 -6.59
O1B GTP E . -15.23 6.12 -6.67
O2B GTP E . -16.27 8.14 -5.63
O3A GTP E . -13.76 8.14 -6.17
PA GTP E . -13.53 9.68 -5.78
O1A GTP E . -14.33 10.01 -4.53
O2A GTP E . -13.91 10.60 -6.91
O5' GTP E . -11.96 9.79 -5.45
C5' GTP E . -11.05 10.00 -6.51
C4' GTP E . -9.87 9.05 -6.35
O4' GTP E . -9.18 9.35 -5.16
C3' GTP E . -10.30 7.59 -6.26
O3' GTP E . -9.96 6.92 -7.45
C2' GTP E . -9.52 7.02 -5.09
O2' GTP E . -8.72 5.92 -5.47
C1' GTP E . -8.63 8.18 -4.62
N9 GTP E . -8.60 8.26 -3.14
C8 GTP E . -9.65 8.26 -2.27
N7 GTP E . -9.16 8.36 -1.00
C5 GTP E . -7.80 8.43 -1.07
C6 GTP E . -6.80 8.53 -0.11
O6 GTP E . -7.11 8.59 1.09
N1 GTP E . -5.47 8.58 -0.49
C2 GTP E . -5.15 8.52 -1.83
N2 GTP E . -3.88 8.57 -2.23
N3 GTP E . -6.14 8.42 -2.78
C4 GTP E . -7.44 8.37 -2.41
MG MG F . 19.99 25.09 0.69
MG MG G . 14.42 25.38 -5.45
MG MG H . 24.53 1.60 -7.99
PG GTP I . -21.47 -28.02 -5.50
O1G GTP I . -22.68 -28.70 -4.90
O2G GTP I . -20.28 -28.94 -5.45
O3G GTP I . -21.77 -27.62 -6.92
O3B GTP I . -21.20 -26.66 -4.69
PB GTP I . -19.91 -26.48 -3.74
O1B GTP I . -19.69 -27.76 -2.98
O2B GTP I . -20.13 -25.29 -2.83
O3A GTP I . -18.67 -26.23 -4.74
PA GTP I . -18.25 -24.73 -5.16
O1A GTP I . -19.47 -23.95 -5.58
O2A GTP I . -17.21 -24.77 -6.25
O5' GTP I . -17.64 -24.13 -3.80
C5' GTP I . -18.26 -23.04 -3.14
C4' GTP I . -17.27 -21.88 -3.12
O4' GTP I . -16.15 -22.26 -2.34
C3' GTP I . -16.78 -21.55 -4.52
O3' GTP I . -17.13 -20.22 -4.82
C2' GTP I . -15.27 -21.68 -4.44
O2' GTP I . -14.60 -20.58 -5.01
C1' GTP I . -14.99 -21.73 -2.94
N9 GTP I . -13.78 -22.52 -2.67
C8 GTP I . -13.30 -23.61 -3.36
N7 GTP I . -12.15 -24.01 -2.77
C5 GTP I . -11.89 -23.19 -1.72
C6 GTP I . -10.86 -23.14 -0.79
O6 GTP I . -9.96 -23.97 -0.85
N1 GTP I . -10.86 -22.16 0.20
C2 GTP I . -11.89 -21.24 0.24
N2 GTP I . -11.92 -20.29 1.18
N3 GTP I . -12.91 -21.29 -0.69
C4 GTP I . -12.90 -22.25 -1.65
PG GTP J . -19.48 -33.28 2.17
O1G GTP J . -18.78 -33.93 3.33
O2G GTP J . -19.36 -34.17 0.95
O3G GTP J . -20.95 -33.07 2.48
O3B GTP J . -18.78 -31.86 1.87
PB GTP J . -17.26 -31.54 2.26
O1B GTP J . -17.05 -31.88 3.72
O2B GTP J . -16.92 -30.10 1.99
O3A GTP J . -16.34 -32.52 1.37
PA GTP J . -16.44 -32.53 -0.24
O1A GTP J . -17.81 -33.00 -0.68
O2A GTP J . -15.36 -33.41 -0.82
O5' GTP J . -16.21 -31.01 -0.70
C5' GTP J . -14.93 -30.55 -1.08
C4' GTP J . -15.12 -29.44 -2.11
O4' GTP J . -15.73 -28.30 -1.53
C3' GTP J . -13.82 -28.94 -2.71
O3' GTP J . -13.46 -29.71 -3.85
C2' GTP J . -14.15 -27.53 -3.12
O2' GTP J . -14.64 -27.54 -4.44
C1' GTP J . -15.29 -27.13 -2.18
N9 GTP J . -14.81 -26.17 -1.16
C8 GTP J . -15.48 -25.05 -0.72
N7 GTP J . -14.74 -24.43 0.22
C5 GTP J . -13.59 -25.13 0.39
C6 GTP J . -12.50 -24.94 1.23
O6 GTP J . -12.47 -23.96 1.98
N1 GTP J . -11.45 -25.83 1.20
C2 GTP J . -11.49 -26.92 0.35
N2 GTP J . -10.48 -27.79 0.32
N3 GTP J . -12.59 -27.11 -0.48
C4 GTP J . -13.62 -26.24 -0.46
MG MG K . -19.84 -29.85 -3.28
MG MG L . -13.66 -34.44 0.19
#